data_1L9D
#
_entry.id   1L9D
#
_cell.length_a   71.413
_cell.length_b   69.771
_cell.length_c   73.169
_cell.angle_alpha   90.00
_cell.angle_beta   92.22
_cell.angle_gamma   90.00
#
_symmetry.space_group_name_H-M   'P 1 21 1'
#
loop_
_entity.id
_entity.type
_entity.pdbx_description
1 polymer 'Monomeric sarcosine oxidase'
2 non-polymer 'CHLORIDE ION'
3 non-polymer 'FLAVIN-ADENINE DINUCLEOTIDE'
4 non-polymer PYRROLE-2-CARBOXYLATE
5 water water
#
_entity_poly.entity_id   1
_entity_poly.type   'polypeptide(L)'
_entity_poly.pdbx_seq_one_letter_code
;STHFDVIVVGAGSMGMAAGYQLAKQGVKTLLVDAFDPPHTNGSHHGDTRIIRHAYGEGREYVPLALRSQELWYELEKETH
HKIFTKTGVLVFGPKGESAFVAETMEAAKEHSLTVDLLEGDEINKRWPGITVPENYNAIFEPNSGVLFSENCIRAYRELA
EARGAKVLTHTRVEDFDISPDSVKIETANGSYTADKLIVSMGAWNSKLLSKLNLDIPLQPYRQVVGFFESDESKYSNDID
FPGFMVEVPNGIYYGFPSFGGCGLKLGYNTFGQKIDPDTINREFGVYPEDESNLRAFLEEYMPGANGELKRGAVCMYTKT
LDEHFIIDLHPEHSNVVIAAGFSGHGFKFSSGVGEVLSQLALTGKTEHDISIFSINRPALKESLQKTTI
;
_entity_poly.pdbx_strand_id   A,B
#
loop_
_chem_comp.id
_chem_comp.type
_chem_comp.name
_chem_comp.formula
CL non-polymer 'CHLORIDE ION' 'Cl -1'
FAD non-polymer 'FLAVIN-ADENINE DINUCLEOTIDE' 'C27 H33 N9 O15 P2'
PYC non-polymer PYRROLE-2-CARBOXYLATE 'C5 H4 N O2 -1'
#
# COMPACT_ATOMS: atom_id res chain seq x y z
N SER A 1 28.76 -18.11 -25.76
CA SER A 1 27.93 -18.98 -24.86
C SER A 1 28.07 -18.54 -23.40
N THR A 2 27.64 -17.30 -23.11
CA THR A 2 27.73 -16.79 -21.75
C THR A 2 26.45 -16.15 -21.25
N HIS A 3 25.86 -16.75 -20.21
CA HIS A 3 24.65 -16.24 -19.56
C HIS A 3 25.10 -15.57 -18.28
N PHE A 4 24.17 -15.05 -17.49
CA PHE A 4 24.51 -14.38 -16.24
C PHE A 4 23.36 -14.55 -15.27
N ASP A 5 23.62 -14.38 -13.99
CA ASP A 5 22.56 -14.48 -12.99
C ASP A 5 21.71 -13.23 -13.16
N VAL A 6 22.39 -12.07 -13.19
CA VAL A 6 21.72 -10.79 -13.33
C VAL A 6 22.43 -9.88 -14.31
N ILE A 7 21.64 -9.09 -15.03
CA ILE A 7 22.18 -8.13 -15.97
C ILE A 7 21.69 -6.75 -15.54
N VAL A 8 22.62 -5.81 -15.42
CA VAL A 8 22.28 -4.45 -15.05
C VAL A 8 22.50 -3.58 -16.28
N VAL A 9 21.45 -2.93 -16.76
CA VAL A 9 21.55 -2.05 -17.91
C VAL A 9 21.62 -0.62 -17.41
N GLY A 10 22.80 -0.02 -17.55
CA GLY A 10 23.01 1.34 -17.07
C GLY A 10 23.76 1.22 -15.77
N ALA A 11 25.09 1.23 -15.84
CA ALA A 11 25.92 1.09 -14.65
C ALA A 11 26.34 2.45 -14.09
N GLY A 12 25.35 3.27 -13.76
CA GLY A 12 25.64 4.59 -13.21
C GLY A 12 25.43 4.60 -11.69
N SER A 13 24.85 5.67 -11.19
CA SER A 13 24.62 5.84 -9.76
C SER A 13 23.90 4.64 -9.13
N MET A 14 22.76 4.26 -9.70
CA MET A 14 21.99 3.15 -9.16
C MET A 14 22.51 1.78 -9.60
N GLY A 15 22.80 1.66 -10.88
CA GLY A 15 23.26 0.39 -11.42
C GLY A 15 24.56 -0.12 -10.85
N MET A 16 25.55 0.74 -10.72
CA MET A 16 26.85 0.32 -10.20
C MET A 16 26.73 -0.10 -8.73
N ALA A 17 25.88 0.58 -7.98
CA ALA A 17 25.67 0.24 -6.58
C ALA A 17 25.06 -1.15 -6.50
N ALA A 18 24.10 -1.41 -7.39
CA ALA A 18 23.43 -2.70 -7.44
C ALA A 18 24.46 -3.78 -7.79
N GLY A 19 25.29 -3.48 -8.78
CA GLY A 19 26.32 -4.42 -9.20
C GLY A 19 27.23 -4.79 -8.04
N TYR A 20 27.61 -3.80 -7.25
CA TYR A 20 28.46 -4.03 -6.10
C TYR A 20 27.75 -4.91 -5.06
N GLN A 21 26.48 -4.63 -4.81
CA GLN A 21 25.70 -5.41 -3.85
C GLN A 21 25.56 -6.86 -4.32
N LEU A 22 25.35 -7.04 -5.62
CA LEU A 22 25.21 -8.39 -6.16
C LEU A 22 26.54 -9.14 -6.16
N ALA A 23 27.60 -8.50 -6.63
CA ALA A 23 28.92 -9.14 -6.66
C ALA A 23 29.35 -9.58 -5.27
N LYS A 24 29.02 -8.78 -4.27
CA LYS A 24 29.38 -9.09 -2.90
C LYS A 24 28.77 -10.42 -2.44
N GLN A 25 27.67 -10.79 -3.05
CA GLN A 25 27.00 -12.04 -2.71
C GLN A 25 27.33 -13.17 -3.65
N GLY A 26 28.33 -12.97 -4.50
CA GLY A 26 28.72 -14.02 -5.43
C GLY A 26 27.74 -14.22 -6.58
N VAL A 27 26.85 -13.26 -6.80
CA VAL A 27 25.89 -13.37 -7.89
C VAL A 27 26.58 -12.96 -9.20
N LYS A 28 26.73 -13.89 -10.13
CA LYS A 28 27.37 -13.60 -11.41
C LYS A 28 26.59 -12.48 -12.10
N THR A 29 27.18 -11.30 -12.16
CA THR A 29 26.53 -10.14 -12.73
C THR A 29 27.23 -9.52 -13.92
N LEU A 30 26.44 -9.03 -14.87
CA LEU A 30 26.95 -8.35 -16.04
C LEU A 30 26.36 -6.94 -16.04
N LEU A 31 27.21 -5.94 -16.10
CA LEU A 31 26.77 -4.55 -16.13
C LEU A 31 27.10 -3.96 -17.49
N VAL A 32 26.08 -3.45 -18.18
CA VAL A 32 26.28 -2.88 -19.51
C VAL A 32 26.01 -1.38 -19.47
N ASP A 33 26.94 -0.60 -20.01
CA ASP A 33 26.77 0.84 -20.03
C ASP A 33 27.14 1.42 -21.40
N ALA A 34 26.38 2.42 -21.83
CA ALA A 34 26.60 3.08 -23.11
C ALA A 34 27.95 3.78 -23.14
N PHE A 35 28.46 4.11 -21.95
CA PHE A 35 29.75 4.77 -21.83
C PHE A 35 30.68 4.02 -20.90
N ASP A 36 31.54 4.73 -20.18
CA ASP A 36 32.49 4.11 -19.27
C ASP A 36 32.42 4.82 -17.91
N PRO A 37 31.54 4.36 -17.02
CA PRO A 37 31.32 4.92 -15.68
C PRO A 37 32.53 4.93 -14.74
N PRO A 38 32.76 6.05 -14.04
CA PRO A 38 31.91 7.24 -14.12
C PRO A 38 32.26 8.09 -15.35
N HIS A 39 31.28 8.80 -15.89
CA HIS A 39 31.51 9.63 -17.06
C HIS A 39 30.76 10.96 -16.95
N THR A 40 30.89 11.79 -17.99
CA THR A 40 30.25 13.09 -17.99
C THR A 40 29.04 13.21 -18.92
N ASN A 41 28.46 12.07 -19.29
CA ASN A 41 27.31 12.06 -20.18
C ASN A 41 25.98 11.81 -19.49
N GLY A 42 26.04 11.34 -18.25
CA GLY A 42 24.83 11.05 -17.50
C GLY A 42 24.40 12.07 -16.46
N SER A 43 23.99 11.57 -15.29
CA SER A 43 23.52 12.42 -14.20
C SER A 43 24.42 12.39 -12.96
N HIS A 44 25.61 11.79 -13.07
CA HIS A 44 26.46 11.70 -11.88
C HIS A 44 27.75 12.50 -11.82
N HIS A 45 28.04 13.32 -12.82
CA HIS A 45 29.27 14.09 -12.77
C HIS A 45 29.06 15.44 -12.09
N GLY A 46 30.08 16.29 -12.13
CA GLY A 46 29.96 17.58 -11.46
C GLY A 46 30.72 17.44 -10.16
N ASP A 47 31.36 16.28 -9.98
CA ASP A 47 32.20 15.97 -8.82
C ASP A 47 31.55 15.70 -7.45
N THR A 48 30.69 16.61 -7.02
CA THR A 48 30.06 16.47 -5.70
C THR A 48 28.55 16.40 -5.67
N ARG A 49 28.03 15.79 -4.59
CA ARG A 49 26.60 15.62 -4.38
C ARG A 49 26.27 15.80 -2.90
N ILE A 50 25.14 16.44 -2.62
CA ILE A 50 24.71 16.66 -1.26
C ILE A 50 23.89 15.48 -0.73
N ILE A 51 24.12 15.11 0.52
CA ILE A 51 23.31 14.09 1.16
C ILE A 51 22.71 14.77 2.39
N ARG A 52 21.39 14.71 2.50
CA ARG A 52 20.65 15.29 3.62
C ARG A 52 19.86 14.16 4.24
N HIS A 53 19.54 14.31 5.52
CA HIS A 53 18.78 13.28 6.24
C HIS A 53 17.38 13.81 6.49
N ALA A 54 17.27 15.01 7.07
CA ALA A 54 15.96 15.61 7.31
C ALA A 54 15.46 15.92 5.91
N TYR A 55 14.64 15.04 5.36
CA TYR A 55 14.19 15.22 3.99
C TYR A 55 13.02 16.15 3.71
N GLY A 56 13.34 17.30 3.10
CA GLY A 56 12.35 18.31 2.76
C GLY A 56 11.42 17.91 1.63
N GLU A 57 11.78 16.86 0.90
CA GLU A 57 10.94 16.36 -0.20
C GLU A 57 9.94 15.38 0.39
N GLY A 58 10.09 15.11 1.68
CA GLY A 58 9.20 14.17 2.34
C GLY A 58 9.94 13.35 3.39
N ARG A 59 9.33 13.22 4.56
CA ARG A 59 9.91 12.47 5.67
C ARG A 59 10.00 10.96 5.42
N GLU A 60 9.23 10.46 4.46
CA GLU A 60 9.22 9.03 4.15
C GLU A 60 10.55 8.54 3.56
N TYR A 61 11.41 9.47 3.19
CA TYR A 61 12.72 9.18 2.61
C TYR A 61 13.81 9.00 3.67
N VAL A 62 13.53 9.46 4.88
CA VAL A 62 14.51 9.41 5.96
C VAL A 62 15.18 8.06 6.20
N PRO A 63 14.41 6.98 6.41
CA PRO A 63 15.02 5.66 6.64
C PRO A 63 16.05 5.27 5.57
N LEU A 64 15.71 5.51 4.30
CA LEU A 64 16.60 5.17 3.19
C LEU A 64 17.84 6.07 3.17
N ALA A 65 17.65 7.32 3.58
CA ALA A 65 18.76 8.28 3.63
C ALA A 65 19.74 7.83 4.72
N LEU A 66 19.20 7.42 5.86
CA LEU A 66 20.04 6.98 6.96
C LEU A 66 20.78 5.69 6.62
N ARG A 67 20.12 4.74 5.98
CA ARG A 67 20.78 3.50 5.60
C ARG A 67 21.86 3.83 4.56
N SER A 68 21.53 4.74 3.65
CA SER A 68 22.47 5.14 2.62
C SER A 68 23.69 5.77 3.25
N GLN A 69 23.49 6.59 4.28
CA GLN A 69 24.62 7.22 4.96
C GLN A 69 25.55 6.17 5.55
N GLU A 70 24.99 5.19 6.24
CA GLU A 70 25.81 4.14 6.82
C GLU A 70 26.58 3.40 5.73
N LEU A 71 25.93 3.14 4.59
CA LEU A 71 26.57 2.46 3.46
C LEU A 71 27.70 3.32 2.86
N TRP A 72 27.54 4.63 2.90
CA TRP A 72 28.59 5.50 2.38
C TRP A 72 29.80 5.42 3.31
N TYR A 73 29.54 5.32 4.62
CA TYR A 73 30.64 5.21 5.58
C TYR A 73 31.37 3.88 5.35
N GLU A 74 30.62 2.83 5.03
CA GLU A 74 31.23 1.53 4.78
C GLU A 74 32.12 1.60 3.55
N LEU A 75 31.63 2.26 2.50
CA LEU A 75 32.40 2.38 1.25
C LEU A 75 33.71 3.13 1.48
N GLU A 76 33.65 4.17 2.29
CA GLU A 76 34.83 4.98 2.63
C GLU A 76 35.96 4.07 3.15
N LYS A 77 35.59 3.13 4.03
CA LYS A 77 36.56 2.21 4.60
C LYS A 77 37.04 1.12 3.65
N GLU A 78 36.28 0.90 2.58
CA GLU A 78 36.62 -0.16 1.63
C GLU A 78 37.47 0.25 0.43
N THR A 79 37.58 1.55 0.17
CA THR A 79 38.34 2.01 -0.98
C THR A 79 39.34 3.11 -0.64
N HIS A 80 40.27 3.37 -1.57
CA HIS A 80 41.26 4.41 -1.37
C HIS A 80 40.72 5.75 -1.88
N HIS A 81 39.64 5.69 -2.65
CA HIS A 81 38.98 6.88 -3.19
C HIS A 81 38.23 7.62 -2.07
N LYS A 82 38.24 8.95 -2.11
CA LYS A 82 37.54 9.73 -1.09
C LYS A 82 36.04 9.63 -1.38
N ILE A 83 35.25 9.36 -0.35
CA ILE A 83 33.82 9.20 -0.52
C ILE A 83 32.94 10.29 0.10
N PHE A 84 33.18 10.62 1.36
CA PHE A 84 32.34 11.58 2.06
C PHE A 84 33.05 12.55 3.00
N THR A 85 32.58 13.79 2.99
CA THR A 85 33.12 14.81 3.88
C THR A 85 31.91 15.37 4.61
N LYS A 86 31.98 15.45 5.92
CA LYS A 86 30.86 15.92 6.73
C LYS A 86 30.83 17.44 6.85
N THR A 87 30.38 18.10 5.78
CA THR A 87 30.30 19.56 5.75
C THR A 87 29.08 20.08 6.51
N GLY A 88 28.09 19.21 6.65
CA GLY A 88 26.85 19.63 7.30
C GLY A 88 26.07 20.26 6.15
N VAL A 89 24.75 20.37 6.28
CA VAL A 89 23.95 20.98 5.24
C VAL A 89 23.02 22.03 5.84
N LEU A 90 23.08 23.24 5.29
CA LEU A 90 22.25 24.34 5.76
C LEU A 90 21.06 24.54 4.84
N VAL A 91 19.87 24.69 5.44
CA VAL A 91 18.65 24.91 4.68
C VAL A 91 17.99 26.18 5.22
N PHE A 92 17.72 27.13 4.33
CA PHE A 92 17.06 28.36 4.76
C PHE A 92 16.10 28.92 3.73
N GLY A 93 15.33 29.91 4.15
CA GLY A 93 14.35 30.53 3.27
C GLY A 93 13.53 31.54 4.05
N PRO A 94 12.61 32.26 3.39
CA PRO A 94 11.77 33.25 4.07
C PRO A 94 10.87 32.57 5.11
N LYS A 95 10.87 33.09 6.33
CA LYS A 95 10.03 32.53 7.40
C LYS A 95 8.59 32.34 6.97
N GLY A 96 8.06 31.13 7.20
CA GLY A 96 6.67 30.84 6.87
C GLY A 96 6.32 30.86 5.39
N GLU A 97 7.31 31.01 4.53
CA GLU A 97 7.06 31.04 3.08
C GLU A 97 7.83 29.99 2.31
N SER A 98 8.17 28.88 2.96
CA SER A 98 8.90 27.82 2.30
C SER A 98 8.48 26.44 2.77
N ALA A 99 7.78 25.72 1.90
CA ALA A 99 7.33 24.37 2.22
C ALA A 99 8.54 23.47 2.42
N PHE A 100 9.61 23.75 1.67
CA PHE A 100 10.83 22.96 1.76
C PHE A 100 11.43 23.10 3.15
N VAL A 101 11.64 24.33 3.59
CA VAL A 101 12.19 24.59 4.90
C VAL A 101 11.30 23.97 5.97
N ALA A 102 9.99 24.17 5.84
CA ALA A 102 9.03 23.63 6.81
C ALA A 102 9.06 22.11 6.90
N GLU A 103 9.01 21.42 5.76
CA GLU A 103 9.03 19.95 5.78
C GLU A 103 10.36 19.41 6.28
N THR A 104 11.45 20.15 6.03
CA THR A 104 12.77 19.72 6.48
C THR A 104 12.76 19.73 8.00
N MET A 105 12.25 20.81 8.58
CA MET A 105 12.17 20.95 10.03
C MET A 105 11.29 19.85 10.62
N GLU A 106 10.14 19.61 10.02
CA GLU A 106 9.23 18.58 10.50
C GLU A 106 9.86 17.20 10.42
N ALA A 107 10.56 16.93 9.34
CA ALA A 107 11.22 15.64 9.16
C ALA A 107 12.25 15.45 10.28
N ALA A 108 12.98 16.51 10.57
CA ALA A 108 14.00 16.48 11.62
C ALA A 108 13.36 16.17 12.96
N LYS A 109 12.24 16.83 13.24
CA LYS A 109 11.53 16.63 14.50
C LYS A 109 11.00 15.21 14.62
N GLU A 110 10.30 14.75 13.58
CA GLU A 110 9.71 13.42 13.59
C GLU A 110 10.70 12.27 13.67
N HIS A 111 11.90 12.45 13.13
CA HIS A 111 12.87 11.37 13.19
C HIS A 111 13.97 11.58 14.20
N SER A 112 13.77 12.54 15.09
CA SER A 112 14.75 12.80 16.13
C SER A 112 16.14 13.02 15.53
N LEU A 113 16.22 13.90 14.54
CA LEU A 113 17.52 14.18 13.93
C LEU A 113 18.17 15.35 14.64
N THR A 114 19.49 15.33 14.69
CA THR A 114 20.25 16.39 15.34
C THR A 114 20.39 17.57 14.40
N VAL A 115 19.73 18.68 14.75
CA VAL A 115 19.78 19.88 13.93
C VAL A 115 19.82 21.14 14.77
N ASP A 116 20.25 22.24 14.17
CA ASP A 116 20.32 23.54 14.82
C ASP A 116 19.31 24.43 14.12
N LEU A 117 18.53 25.18 14.90
CA LEU A 117 17.54 26.08 14.35
C LEU A 117 17.98 27.50 14.64
N LEU A 118 18.11 28.32 13.60
CA LEU A 118 18.51 29.70 13.79
C LEU A 118 17.81 30.56 12.75
N GLU A 119 17.91 31.88 12.90
CA GLU A 119 17.25 32.78 11.96
C GLU A 119 17.89 34.16 11.88
N GLY A 120 17.46 34.92 10.88
CA GLY A 120 17.96 36.26 10.68
C GLY A 120 19.46 36.42 10.79
N ASP A 121 19.89 37.39 11.57
CA ASP A 121 21.30 37.69 11.76
C ASP A 121 22.13 36.55 12.35
N GLU A 122 21.49 35.61 13.02
CA GLU A 122 22.22 34.49 13.61
C GLU A 122 22.90 33.71 12.49
N ILE A 123 22.23 33.62 11.34
CA ILE A 123 22.75 32.91 10.19
C ILE A 123 24.01 33.61 9.68
N ASN A 124 23.90 34.93 9.51
CA ASN A 124 25.02 35.73 9.01
C ASN A 124 26.19 35.68 9.99
N LYS A 125 25.89 35.68 11.28
CA LYS A 125 26.93 35.65 12.30
C LYS A 125 27.68 34.32 12.36
N ARG A 126 26.94 33.22 12.31
CA ARG A 126 27.58 31.92 12.36
C ARG A 126 28.41 31.63 11.12
N TRP A 127 27.88 31.99 9.96
CA TRP A 127 28.59 31.74 8.70
C TRP A 127 28.94 33.01 7.95
N PRO A 128 30.08 33.62 8.27
CA PRO A 128 30.45 34.84 7.53
C PRO A 128 30.49 34.42 6.06
N GLY A 129 29.92 35.23 5.19
CA GLY A 129 29.91 34.88 3.78
C GLY A 129 28.48 34.69 3.33
N ILE A 130 27.59 34.50 4.30
CA ILE A 130 26.17 34.35 4.00
C ILE A 130 25.44 35.62 4.46
N THR A 131 24.65 36.19 3.56
CA THR A 131 23.91 37.40 3.89
C THR A 131 22.45 37.23 3.47
N VAL A 132 21.60 36.94 4.44
CA VAL A 132 20.16 36.77 4.20
C VAL A 132 19.39 37.83 4.98
N PRO A 133 18.17 38.17 4.52
CA PRO A 133 17.36 39.17 5.21
C PRO A 133 17.00 38.69 6.61
N GLU A 134 16.63 39.62 7.49
CA GLU A 134 16.27 39.30 8.86
C GLU A 134 15.04 38.41 8.98
N ASN A 135 14.19 38.43 7.95
CA ASN A 135 12.97 37.64 7.97
C ASN A 135 13.18 36.19 7.52
N TYR A 136 14.44 35.80 7.35
CA TYR A 136 14.77 34.44 6.94
C TYR A 136 15.07 33.58 8.16
N ASN A 137 14.79 32.30 8.05
CA ASN A 137 15.07 31.37 9.14
C ASN A 137 15.76 30.17 8.53
N ALA A 138 16.39 29.33 9.34
CA ALA A 138 17.10 28.19 8.80
C ALA A 138 17.21 27.00 9.74
N ILE A 139 17.58 25.87 9.17
CA ILE A 139 17.78 24.65 9.92
C ILE A 139 19.07 24.04 9.39
N PHE A 140 20.02 23.81 10.28
CA PHE A 140 21.30 23.25 9.92
C PHE A 140 21.42 21.81 10.40
N GLU A 141 21.89 20.94 9.52
CA GLU A 141 22.06 19.53 9.85
C GLU A 141 23.58 19.29 9.82
N PRO A 142 24.21 19.22 11.01
CA PRO A 142 25.66 19.01 11.10
C PRO A 142 26.22 17.67 10.68
N ASN A 143 25.42 16.61 10.75
CA ASN A 143 25.93 15.27 10.43
C ASN A 143 25.79 14.79 8.99
N SER A 144 25.12 15.58 8.15
CA SER A 144 24.97 15.21 6.75
C SER A 144 26.11 15.90 6.00
N GLY A 145 26.20 15.72 4.70
CA GLY A 145 27.31 16.37 4.02
C GLY A 145 27.44 16.24 2.53
N VAL A 146 28.68 16.02 2.08
CA VAL A 146 28.99 15.93 0.67
C VAL A 146 29.60 14.61 0.24
N LEU A 147 29.07 14.06 -0.85
CA LEU A 147 29.56 12.80 -1.40
C LEU A 147 30.30 13.12 -2.69
N PHE A 148 31.39 12.40 -2.95
CA PHE A 148 32.13 12.60 -4.18
C PHE A 148 31.61 11.49 -5.10
N SER A 149 30.51 11.81 -5.76
CA SER A 149 29.77 10.92 -6.65
C SER A 149 30.56 10.13 -7.69
N GLU A 150 31.53 10.76 -8.33
CA GLU A 150 32.32 10.04 -9.33
C GLU A 150 33.19 9.00 -8.63
N ASN A 151 33.69 9.34 -7.45
CA ASN A 151 34.52 8.40 -6.69
C ASN A 151 33.66 7.23 -6.21
N CYS A 152 32.42 7.53 -5.83
CA CYS A 152 31.50 6.49 -5.37
C CYS A 152 31.29 5.43 -6.44
N ILE A 153 30.96 5.88 -7.65
CA ILE A 153 30.74 4.95 -8.75
C ILE A 153 32.00 4.20 -9.12
N ARG A 154 33.13 4.91 -9.15
CA ARG A 154 34.42 4.28 -9.50
C ARG A 154 34.79 3.23 -8.44
N ALA A 155 34.55 3.54 -7.18
CA ALA A 155 34.87 2.61 -6.09
C ALA A 155 33.97 1.37 -6.20
N TYR A 156 32.67 1.60 -6.35
CA TYR A 156 31.74 0.49 -6.47
C TYR A 156 32.13 -0.41 -7.63
N ARG A 157 32.52 0.20 -8.74
CA ARG A 157 32.91 -0.57 -9.92
C ARG A 157 34.16 -1.40 -9.68
N GLU A 158 35.19 -0.80 -9.11
CA GLU A 158 36.43 -1.51 -8.84
C GLU A 158 36.19 -2.67 -7.88
N LEU A 159 35.37 -2.44 -6.87
CA LEU A 159 35.07 -3.48 -5.89
C LEU A 159 34.27 -4.61 -6.52
N ALA A 160 33.29 -4.24 -7.33
CA ALA A 160 32.43 -5.21 -8.00
C ALA A 160 33.22 -6.07 -8.97
N GLU A 161 34.02 -5.45 -9.83
CA GLU A 161 34.81 -6.22 -10.78
C GLU A 161 35.79 -7.15 -10.08
N ALA A 162 36.39 -6.68 -8.99
CA ALA A 162 37.34 -7.49 -8.26
C ALA A 162 36.66 -8.76 -7.74
N ARG A 163 35.37 -8.65 -7.42
CA ARG A 163 34.63 -9.79 -6.92
C ARG A 163 33.94 -10.62 -7.99
N GLY A 164 34.21 -10.32 -9.26
CA GLY A 164 33.62 -11.11 -10.33
C GLY A 164 32.72 -10.42 -11.33
N ALA A 165 32.09 -9.32 -10.95
CA ALA A 165 31.19 -8.61 -11.85
C ALA A 165 31.90 -8.24 -13.15
N LYS A 166 31.17 -8.33 -14.27
CA LYS A 166 31.71 -7.99 -15.58
C LYS A 166 31.08 -6.69 -16.04
N VAL A 167 31.89 -5.79 -16.57
CA VAL A 167 31.38 -4.51 -17.04
C VAL A 167 31.67 -4.34 -18.53
N LEU A 168 30.62 -4.19 -19.32
CA LEU A 168 30.74 -4.01 -20.75
C LEU A 168 30.47 -2.53 -21.01
N THR A 169 31.54 -1.81 -21.36
CA THR A 169 31.47 -0.38 -21.60
C THR A 169 31.24 -0.01 -23.06
N HIS A 170 30.84 1.25 -23.28
CA HIS A 170 30.60 1.77 -24.62
C HIS A 170 29.70 0.84 -25.42
N THR A 171 28.71 0.26 -24.74
CA THR A 171 27.77 -0.65 -25.34
C THR A 171 26.35 -0.23 -25.01
N ARG A 172 25.65 0.33 -25.99
CA ARG A 172 24.28 0.77 -25.77
C ARG A 172 23.26 -0.35 -26.01
N VAL A 173 22.42 -0.60 -25.00
CA VAL A 173 21.40 -1.62 -25.13
C VAL A 173 20.32 -0.98 -25.99
N GLU A 174 19.85 -1.72 -27.00
CA GLU A 174 18.84 -1.18 -27.90
C GLU A 174 17.47 -1.79 -27.79
N ASP A 175 17.38 -2.99 -27.20
CA ASP A 175 16.08 -3.61 -27.04
C ASP A 175 16.11 -4.70 -25.99
N PHE A 176 14.91 -5.10 -25.56
CA PHE A 176 14.74 -6.12 -24.54
C PHE A 176 13.81 -7.23 -25.05
N ASP A 177 14.04 -8.45 -24.58
CA ASP A 177 13.21 -9.59 -24.92
C ASP A 177 13.05 -10.34 -23.60
N ILE A 178 11.89 -10.16 -22.97
CA ILE A 178 11.63 -10.78 -21.68
C ILE A 178 10.72 -11.99 -21.73
N SER A 179 11.12 -13.05 -21.06
CA SER A 179 10.32 -14.26 -20.98
C SER A 179 10.11 -14.54 -19.49
N PRO A 180 9.16 -15.41 -19.15
CA PRO A 180 8.90 -15.71 -17.74
C PRO A 180 10.06 -16.35 -16.97
N ASP A 181 10.97 -17.00 -17.67
CA ASP A 181 12.09 -17.67 -17.02
C ASP A 181 13.46 -17.09 -17.34
N SER A 182 13.50 -16.00 -18.10
CA SER A 182 14.77 -15.37 -18.43
C SER A 182 14.59 -14.00 -19.05
N VAL A 183 15.69 -13.28 -19.17
CA VAL A 183 15.68 -11.93 -19.76
C VAL A 183 16.82 -11.86 -20.76
N LYS A 184 16.63 -11.07 -21.81
CA LYS A 184 17.66 -10.91 -22.83
C LYS A 184 17.74 -9.46 -23.32
N ILE A 185 18.97 -9.01 -23.58
CA ILE A 185 19.20 -7.65 -24.06
C ILE A 185 19.93 -7.72 -25.39
N GLU A 186 19.71 -6.73 -26.23
CA GLU A 186 20.37 -6.69 -27.52
C GLU A 186 21.23 -5.44 -27.65
N THR A 187 22.47 -5.62 -28.06
CA THR A 187 23.41 -4.53 -28.25
C THR A 187 24.17 -4.76 -29.57
N ALA A 188 24.87 -3.73 -30.04
CA ALA A 188 25.63 -3.85 -31.27
C ALA A 188 26.79 -4.81 -31.06
N ASN A 189 27.22 -4.93 -29.81
CA ASN A 189 28.34 -5.81 -29.47
C ASN A 189 27.90 -7.23 -29.11
N GLY A 190 26.60 -7.50 -29.24
CA GLY A 190 26.10 -8.84 -28.94
C GLY A 190 24.87 -8.84 -28.05
N SER A 191 24.19 -9.99 -27.99
CA SER A 191 23.00 -10.11 -27.16
C SER A 191 23.39 -10.90 -25.90
N TYR A 192 22.77 -10.56 -24.79
CA TYR A 192 23.08 -11.21 -23.52
C TYR A 192 21.82 -11.65 -22.80
N THR A 193 21.92 -12.75 -22.06
CA THR A 193 20.79 -13.28 -21.34
C THR A 193 21.12 -13.53 -19.87
N ALA A 194 20.09 -13.47 -19.04
CA ALA A 194 20.23 -13.69 -17.60
C ALA A 194 18.87 -14.12 -17.04
N ASP A 195 18.84 -14.40 -15.75
CA ASP A 195 17.60 -14.79 -15.07
C ASP A 195 16.85 -13.55 -14.61
N LYS A 196 17.61 -12.50 -14.30
CA LYS A 196 17.02 -11.25 -13.81
C LYS A 196 17.61 -10.03 -14.50
N LEU A 197 16.80 -8.98 -14.62
CA LEU A 197 17.22 -7.75 -15.27
C LEU A 197 16.95 -6.52 -14.41
N ILE A 198 17.93 -5.63 -14.34
CA ILE A 198 17.79 -4.38 -13.59
C ILE A 198 17.96 -3.26 -14.61
N VAL A 199 16.94 -2.42 -14.74
CA VAL A 199 16.97 -1.31 -15.68
C VAL A 199 17.20 0.00 -14.93
N SER A 200 18.31 0.66 -15.22
CA SER A 200 18.64 1.92 -14.57
C SER A 200 19.43 2.80 -15.53
N MET A 201 18.77 3.24 -16.59
CA MET A 201 19.43 4.04 -17.62
C MET A 201 19.32 5.55 -17.44
N GLY A 202 18.94 5.98 -16.24
CA GLY A 202 18.84 7.40 -15.97
C GLY A 202 17.95 8.16 -16.95
N ALA A 203 18.48 9.27 -17.48
CA ALA A 203 17.73 10.11 -18.40
C ALA A 203 17.19 9.32 -19.58
N TRP A 204 17.88 8.24 -19.95
CA TRP A 204 17.46 7.42 -21.08
C TRP A 204 16.29 6.50 -20.82
N ASN A 205 15.81 6.45 -19.58
CA ASN A 205 14.66 5.63 -19.24
C ASN A 205 13.44 6.23 -19.95
N SER A 206 13.48 7.54 -20.16
CA SER A 206 12.37 8.25 -20.82
C SER A 206 12.28 7.94 -22.31
N LYS A 207 13.19 7.12 -22.81
CA LYS A 207 13.19 6.78 -24.24
C LYS A 207 13.18 5.28 -24.47
N LEU A 208 13.79 4.52 -23.55
CA LEU A 208 13.88 3.08 -23.71
C LEU A 208 12.91 2.22 -22.89
N LEU A 209 12.19 2.81 -21.96
CA LEU A 209 11.24 2.04 -21.17
C LEU A 209 10.05 1.59 -22.01
N SER A 210 9.83 2.30 -23.13
CA SER A 210 8.74 1.94 -24.03
C SER A 210 9.05 0.57 -24.63
N LYS A 211 10.33 0.23 -24.69
CA LYS A 211 10.74 -1.06 -25.23
C LYS A 211 10.34 -2.19 -24.28
N LEU A 212 9.94 -1.83 -23.07
CA LEU A 212 9.52 -2.81 -22.08
C LEU A 212 8.01 -2.70 -21.88
N ASN A 213 7.33 -2.17 -22.89
CA ASN A 213 5.89 -2.01 -22.86
C ASN A 213 5.41 -1.13 -21.70
N LEU A 214 6.23 -0.15 -21.34
CA LEU A 214 5.87 0.77 -20.27
C LEU A 214 5.72 2.18 -20.83
N ASP A 215 4.64 2.85 -20.45
CA ASP A 215 4.38 4.20 -20.91
C ASP A 215 4.28 5.09 -19.68
N ILE A 216 5.43 5.55 -19.21
CA ILE A 216 5.48 6.40 -18.03
C ILE A 216 6.07 7.77 -18.34
N PRO A 217 5.36 8.84 -17.97
CA PRO A 217 5.83 10.20 -18.21
C PRO A 217 7.13 10.48 -17.46
N LEU A 218 8.20 10.71 -18.20
CA LEU A 218 9.51 11.02 -17.63
C LEU A 218 10.10 12.16 -18.45
N GLN A 219 10.48 13.25 -17.78
CA GLN A 219 11.02 14.40 -18.50
C GLN A 219 12.46 14.75 -18.13
N PRO A 220 13.40 14.58 -19.08
CA PRO A 220 14.80 14.90 -18.81
C PRO A 220 14.95 16.42 -18.82
N TYR A 221 15.77 16.95 -17.90
CA TYR A 221 16.00 18.39 -17.80
C TYR A 221 17.50 18.71 -17.77
N ARG A 222 17.89 19.74 -18.50
CA ARG A 222 19.30 20.16 -18.53
C ARG A 222 19.52 21.03 -17.29
N GLN A 223 20.41 20.60 -16.41
CA GLN A 223 20.72 21.33 -15.18
C GLN A 223 22.22 21.60 -15.08
N VAL A 224 22.58 22.87 -14.98
CA VAL A 224 23.98 23.24 -14.88
C VAL A 224 24.40 23.64 -13.48
N VAL A 225 25.70 23.62 -13.24
CA VAL A 225 26.29 24.04 -11.98
C VAL A 225 27.58 24.78 -12.33
N GLY A 226 27.94 25.74 -11.49
CA GLY A 226 29.16 26.51 -11.74
C GLY A 226 30.02 26.64 -10.50
N PHE A 227 31.33 26.66 -10.72
CA PHE A 227 32.30 26.80 -9.63
C PHE A 227 32.84 28.23 -9.76
N PHE A 228 32.82 28.97 -8.66
CA PHE A 228 33.27 30.37 -8.68
C PHE A 228 34.43 30.69 -7.73
N GLU A 229 35.37 31.48 -8.21
CA GLU A 229 36.51 31.88 -7.39
C GLU A 229 35.87 32.59 -6.19
N SER A 230 36.22 32.15 -4.99
CA SER A 230 35.62 32.72 -3.79
C SER A 230 36.60 33.11 -2.70
N ASP A 231 36.08 33.85 -1.70
CA ASP A 231 36.88 34.27 -0.57
C ASP A 231 37.06 33.04 0.30
N GLU A 232 38.21 32.39 0.16
CA GLU A 232 38.52 31.17 0.89
C GLU A 232 38.44 31.28 2.41
N SER A 233 38.64 32.50 2.93
CA SER A 233 38.59 32.69 4.38
C SER A 233 37.16 32.57 4.86
N LYS A 234 36.22 32.54 3.92
CA LYS A 234 34.81 32.44 4.26
C LYS A 234 34.08 31.22 3.69
N TYR A 235 34.41 30.85 2.46
CA TYR A 235 33.70 29.75 1.81
C TYR A 235 34.37 28.38 1.72
N SER A 236 35.53 28.25 2.32
CA SER A 236 36.23 26.97 2.28
C SER A 236 35.65 25.95 3.25
N ASN A 237 35.73 24.68 2.86
CA ASN A 237 35.25 23.59 3.71
C ASN A 237 36.08 23.64 5.00
N ASP A 238 37.32 24.06 4.86
CA ASP A 238 38.26 24.15 5.97
C ASP A 238 37.82 25.09 7.08
N ILE A 239 37.01 26.11 6.74
CA ILE A 239 36.52 27.04 7.74
C ILE A 239 35.05 26.74 8.03
N ASP A 240 34.67 25.50 7.78
CA ASP A 240 33.31 24.99 8.01
C ASP A 240 32.15 25.61 7.25
N PHE A 241 32.40 26.17 6.07
CA PHE A 241 31.29 26.71 5.30
C PHE A 241 30.53 25.43 4.91
N PRO A 242 29.21 25.41 5.11
CA PRO A 242 28.42 24.23 4.80
C PRO A 242 27.90 24.04 3.38
N GLY A 243 27.43 22.82 3.13
CA GLY A 243 26.81 22.54 1.85
C GLY A 243 25.44 23.14 2.11
N PHE A 244 24.67 23.47 1.08
CA PHE A 244 23.36 24.06 1.32
C PHE A 244 22.32 23.83 0.23
N MET A 245 21.06 23.96 0.63
CA MET A 245 19.93 23.85 -0.28
C MET A 245 18.91 24.81 0.33
N VAL A 246 18.62 25.88 -0.39
CA VAL A 246 17.72 26.89 0.13
C VAL A 246 16.64 27.32 -0.86
N GLU A 247 15.57 27.91 -0.32
CA GLU A 247 14.48 28.39 -1.16
C GLU A 247 14.33 29.89 -0.99
N VAL A 248 14.36 30.60 -2.11
CA VAL A 248 14.19 32.03 -2.13
C VAL A 248 12.97 32.29 -3.02
N PRO A 249 12.51 33.54 -3.10
CA PRO A 249 11.35 33.86 -3.94
C PRO A 249 11.35 33.25 -5.35
N ASN A 250 12.47 33.30 -6.06
CA ASN A 250 12.49 32.76 -7.41
C ASN A 250 12.76 31.27 -7.51
N GLY A 251 12.89 30.58 -6.37
CA GLY A 251 13.12 29.14 -6.43
C GLY A 251 14.12 28.54 -5.47
N ILE A 252 14.58 27.34 -5.80
CA ILE A 252 15.52 26.59 -4.98
C ILE A 252 16.93 26.53 -5.55
N TYR A 253 17.91 26.80 -4.70
CA TYR A 253 19.30 26.79 -5.09
C TYR A 253 20.05 25.83 -4.15
N TYR A 254 21.18 25.30 -4.63
CA TYR A 254 21.98 24.40 -3.82
C TYR A 254 23.45 24.70 -4.08
N GLY A 255 24.29 24.41 -3.09
CA GLY A 255 25.70 24.68 -3.24
C GLY A 255 26.59 23.88 -2.33
N PHE A 256 27.89 24.01 -2.58
CA PHE A 256 28.92 23.29 -1.84
C PHE A 256 30.04 24.25 -1.48
N PRO A 257 30.70 24.03 -0.33
CA PRO A 257 31.80 24.91 0.05
C PRO A 257 32.97 24.64 -0.89
N SER A 258 33.94 25.53 -0.91
CA SER A 258 35.12 25.35 -1.75
C SER A 258 36.01 24.28 -1.15
N PHE A 259 36.36 23.27 -1.94
CA PHE A 259 37.23 22.19 -1.45
C PHE A 259 38.62 22.37 -2.06
N GLY A 260 39.62 22.56 -1.21
CA GLY A 260 40.97 22.74 -1.71
C GLY A 260 41.07 23.85 -2.73
N GLY A 261 40.27 24.90 -2.55
CA GLY A 261 40.30 26.03 -3.46
C GLY A 261 39.63 25.86 -4.82
N CYS A 262 38.80 24.84 -4.97
CA CYS A 262 38.12 24.63 -6.26
C CYS A 262 37.06 25.70 -6.48
N GLY A 263 36.77 26.46 -5.43
CA GLY A 263 35.78 27.51 -5.51
C GLY A 263 34.40 27.01 -5.11
N LEU A 264 33.53 27.92 -4.69
CA LEU A 264 32.18 27.54 -4.29
C LEU A 264 31.42 27.08 -5.53
N LYS A 265 30.65 26.01 -5.36
CA LYS A 265 29.86 25.47 -6.46
C LYS A 265 28.39 25.75 -6.19
N LEU A 266 27.69 26.25 -7.20
CA LEU A 266 26.27 26.58 -7.08
C LEU A 266 25.43 26.04 -8.22
N GLY A 267 24.18 25.73 -7.90
CA GLY A 267 23.24 25.23 -8.88
C GLY A 267 21.85 25.79 -8.63
N TYR A 268 21.09 25.98 -9.70
CA TYR A 268 19.72 26.47 -9.61
C TYR A 268 18.86 25.26 -9.96
N ASN A 269 18.12 24.78 -8.97
CA ASN A 269 17.30 23.58 -9.09
C ASN A 269 15.89 23.76 -9.67
N THR A 270 15.27 24.92 -9.40
CA THR A 270 13.92 25.19 -9.87
C THR A 270 13.76 25.25 -11.38
N PHE A 271 14.79 25.70 -12.08
CA PHE A 271 14.74 25.82 -13.52
C PHE A 271 15.70 24.90 -14.28
N GLY A 272 15.34 24.59 -15.52
CA GLY A 272 16.17 23.74 -16.36
C GLY A 272 15.52 23.60 -17.72
N GLN A 273 16.32 23.38 -18.76
CA GLN A 273 15.75 23.23 -20.11
C GLN A 273 15.29 21.80 -20.35
N LYS A 274 14.08 21.63 -20.89
CA LYS A 274 13.56 20.31 -21.21
C LYS A 274 14.36 19.86 -22.42
N ILE A 275 14.98 18.69 -22.35
CA ILE A 275 15.80 18.21 -23.46
C ILE A 275 15.71 16.71 -23.72
N ASP A 276 16.45 16.26 -24.72
CA ASP A 276 16.52 14.86 -25.06
C ASP A 276 17.95 14.47 -24.71
N PRO A 277 18.12 13.38 -23.95
CA PRO A 277 19.46 12.95 -23.55
C PRO A 277 20.43 12.69 -24.71
N ASP A 278 19.89 12.51 -25.91
CA ASP A 278 20.74 12.24 -27.07
C ASP A 278 21.15 13.49 -27.85
N THR A 279 20.49 14.62 -27.59
CA THR A 279 20.83 15.84 -28.30
C THR A 279 21.11 17.02 -27.38
N ILE A 280 21.14 16.77 -26.07
CA ILE A 280 21.41 17.82 -25.10
C ILE A 280 22.77 18.47 -25.33
N ASN A 281 22.84 19.78 -25.16
CA ASN A 281 24.10 20.51 -25.32
C ASN A 281 24.75 20.57 -23.93
N ARG A 282 25.85 19.83 -23.78
CA ARG A 282 26.55 19.76 -22.51
C ARG A 282 27.63 20.81 -22.30
N GLU A 283 27.55 21.91 -23.02
CA GLU A 283 28.53 22.97 -22.85
C GLU A 283 27.95 24.06 -21.96
N PHE A 284 28.66 24.39 -20.88
CA PHE A 284 28.19 25.41 -19.96
C PHE A 284 28.36 26.79 -20.60
N GLY A 285 27.34 27.61 -20.47
CA GLY A 285 27.40 28.96 -21.02
C GLY A 285 26.71 29.17 -22.35
N VAL A 286 26.25 28.09 -22.99
CA VAL A 286 25.57 28.22 -24.28
C VAL A 286 24.25 28.97 -24.14
N TYR A 287 23.70 28.98 -22.93
CA TYR A 287 22.45 29.70 -22.66
C TYR A 287 22.81 30.77 -21.64
N PRO A 288 22.33 32.01 -21.86
CA PRO A 288 22.64 33.09 -20.92
C PRO A 288 22.19 32.83 -19.49
N GLU A 289 21.19 31.98 -19.32
CA GLU A 289 20.68 31.65 -17.99
C GLU A 289 21.70 30.86 -17.18
N ASP A 290 22.48 30.04 -17.87
CA ASP A 290 23.49 29.20 -17.21
C ASP A 290 24.27 29.96 -16.13
N GLU A 291 24.94 31.03 -16.52
CA GLU A 291 25.73 31.80 -15.58
C GLU A 291 24.96 32.92 -14.89
N SER A 292 23.99 33.52 -15.59
CA SER A 292 23.23 34.61 -14.99
C SER A 292 22.38 34.23 -13.79
N ASN A 293 21.69 33.08 -13.86
CA ASN A 293 20.86 32.64 -12.74
C ASN A 293 21.70 32.41 -11.49
N LEU A 294 22.91 31.91 -11.66
CA LEU A 294 23.79 31.65 -10.53
C LEU A 294 24.34 32.92 -9.90
N ARG A 295 24.82 33.85 -10.71
CA ARG A 295 25.37 35.09 -10.17
C ARG A 295 24.33 35.97 -9.49
N ALA A 296 23.07 35.86 -9.93
CA ALA A 296 22.00 36.65 -9.34
C ALA A 296 21.84 36.23 -7.88
N PHE A 297 22.01 34.93 -7.63
CA PHE A 297 21.89 34.39 -6.29
C PHE A 297 23.09 34.81 -5.43
N LEU A 298 24.29 34.53 -5.94
CA LEU A 298 25.53 34.84 -5.24
C LEU A 298 25.64 36.32 -4.86
N GLU A 299 25.26 37.20 -5.77
CA GLU A 299 25.34 38.63 -5.52
C GLU A 299 24.46 39.05 -4.33
N GLU A 300 23.36 38.34 -4.14
CA GLU A 300 22.43 38.65 -3.06
C GLU A 300 22.68 37.92 -1.73
N TYR A 301 23.03 36.63 -1.79
CA TYR A 301 23.22 35.85 -0.57
C TYR A 301 24.64 35.45 -0.17
N MET A 302 25.56 35.37 -1.14
CA MET A 302 26.94 35.00 -0.85
C MET A 302 27.84 35.83 -1.76
N PRO A 303 27.83 37.15 -1.56
CA PRO A 303 28.61 38.11 -2.34
C PRO A 303 30.11 37.82 -2.47
N GLY A 304 30.71 37.25 -1.43
CA GLY A 304 32.15 36.96 -1.46
C GLY A 304 32.55 35.79 -2.35
N ALA A 305 31.55 35.07 -2.88
CA ALA A 305 31.83 33.93 -3.75
C ALA A 305 31.39 34.20 -5.18
N ASN A 306 31.21 35.46 -5.54
CA ASN A 306 30.77 35.83 -6.88
C ASN A 306 31.94 36.27 -7.76
N GLY A 307 33.01 35.48 -7.78
CA GLY A 307 34.17 35.82 -8.58
C GLY A 307 34.19 35.16 -9.95
N GLU A 308 35.37 35.07 -10.56
CA GLU A 308 35.49 34.45 -11.88
C GLU A 308 34.95 33.03 -11.89
N LEU A 309 34.29 32.68 -12.99
CA LEU A 309 33.76 31.33 -13.14
C LEU A 309 34.99 30.46 -13.40
N LYS A 310 35.20 29.46 -12.56
CA LYS A 310 36.36 28.58 -12.70
C LYS A 310 36.05 27.33 -13.51
N ARG A 311 34.84 26.83 -13.36
CA ARG A 311 34.42 25.61 -14.04
C ARG A 311 32.90 25.53 -14.12
N GLY A 312 32.41 24.81 -15.12
CA GLY A 312 30.98 24.64 -15.29
C GLY A 312 30.71 23.21 -15.72
N ALA A 313 29.52 22.70 -15.39
CA ALA A 313 29.15 21.34 -15.77
C ALA A 313 27.68 21.30 -16.14
N VAL A 314 27.35 20.45 -17.11
CA VAL A 314 25.98 20.29 -17.55
C VAL A 314 25.56 18.87 -17.25
N CYS A 315 24.47 18.73 -16.51
CA CYS A 315 24.01 17.43 -16.08
C CYS A 315 22.48 17.33 -16.22
N MET A 316 21.93 16.12 -16.14
CA MET A 316 20.48 15.92 -16.32
C MET A 316 19.66 15.38 -15.15
N TYR A 317 18.45 15.91 -14.98
CA TYR A 317 17.52 15.42 -13.98
C TYR A 317 16.55 14.61 -14.85
N THR A 318 15.82 13.68 -14.24
CA THR A 318 14.81 12.90 -14.96
C THR A 318 13.62 12.88 -14.02
N LYS A 319 12.67 13.78 -14.26
CA LYS A 319 11.51 13.92 -13.40
C LYS A 319 10.27 13.10 -13.70
N THR A 320 9.56 12.76 -12.63
CA THR A 320 8.29 12.06 -12.70
C THR A 320 7.30 13.16 -12.37
N LEU A 321 6.01 12.92 -12.57
CA LEU A 321 5.00 13.94 -12.28
C LEU A 321 4.93 14.37 -10.82
N ASP A 322 5.14 13.43 -9.90
CA ASP A 322 5.08 13.74 -8.48
C ASP A 322 6.46 13.93 -7.88
N GLU A 323 7.48 13.86 -8.73
CA GLU A 323 8.87 14.03 -8.35
C GLU A 323 9.41 13.01 -7.34
N HIS A 324 8.72 11.88 -7.22
CA HIS A 324 9.18 10.81 -6.33
C HIS A 324 9.74 9.74 -7.24
N PHE A 325 10.70 8.96 -6.73
CA PHE A 325 11.33 7.92 -7.54
C PHE A 325 10.45 6.78 -8.00
N ILE A 326 11.03 5.93 -8.83
CA ILE A 326 10.38 4.74 -9.33
C ILE A 326 11.37 3.61 -9.06
N ILE A 327 11.03 2.75 -8.10
CA ILE A 327 11.86 1.61 -7.73
C ILE A 327 10.84 0.51 -7.51
N ASP A 328 10.78 -0.44 -8.44
CA ASP A 328 9.77 -1.48 -8.33
C ASP A 328 10.03 -2.55 -9.38
N LEU A 329 9.24 -3.62 -9.30
CA LEU A 329 9.34 -4.69 -10.27
C LEU A 329 8.45 -4.29 -11.44
N HIS A 330 8.77 -4.80 -12.62
CA HIS A 330 7.96 -4.53 -13.80
C HIS A 330 6.62 -5.20 -13.51
N PRO A 331 5.51 -4.47 -13.66
CA PRO A 331 4.18 -5.02 -13.40
C PRO A 331 3.83 -6.34 -14.12
N GLU A 332 4.45 -6.57 -15.28
CA GLU A 332 4.19 -7.79 -16.05
C GLU A 332 5.35 -8.78 -16.01
N HIS A 333 6.46 -8.39 -15.41
CA HIS A 333 7.64 -9.25 -15.35
C HIS A 333 8.34 -9.15 -14.01
N SER A 334 8.08 -10.11 -13.12
CA SER A 334 8.68 -10.11 -11.80
C SER A 334 10.19 -10.29 -11.85
N ASN A 335 10.71 -10.66 -13.02
CA ASN A 335 12.15 -10.84 -13.17
C ASN A 335 12.83 -9.60 -13.76
N VAL A 336 12.12 -8.48 -13.76
CA VAL A 336 12.65 -7.21 -14.25
C VAL A 336 12.45 -6.14 -13.17
N VAL A 337 13.54 -5.46 -12.82
CA VAL A 337 13.49 -4.42 -11.79
C VAL A 337 13.77 -3.05 -12.43
N ILE A 338 12.94 -2.07 -12.10
CA ILE A 338 13.08 -0.72 -12.65
C ILE A 338 13.51 0.34 -11.62
N ALA A 339 14.50 1.14 -12.00
CA ALA A 339 14.98 2.23 -11.15
C ALA A 339 14.98 3.45 -12.05
N ALA A 340 14.01 4.35 -11.86
CA ALA A 340 13.92 5.52 -12.73
C ALA A 340 13.31 6.76 -12.07
N GLY A 341 13.35 7.85 -12.82
CA GLY A 341 12.79 9.12 -12.38
C GLY A 341 13.25 9.66 -11.05
N PHE A 342 14.56 9.69 -10.81
CA PHE A 342 15.07 10.19 -9.54
C PHE A 342 14.92 11.69 -9.35
N SER A 343 14.24 12.31 -10.31
CA SER A 343 13.90 13.73 -10.29
C SER A 343 14.88 14.73 -9.68
N GLY A 344 16.16 14.55 -9.97
CA GLY A 344 17.16 15.47 -9.46
C GLY A 344 17.62 15.34 -8.01
N HIS A 345 17.13 14.36 -7.24
CA HIS A 345 17.57 14.24 -5.85
C HIS A 345 17.83 12.79 -5.41
N GLY A 346 18.30 11.96 -6.32
CA GLY A 346 18.54 10.58 -5.97
C GLY A 346 19.95 10.09 -5.68
N PHE A 347 21.00 10.85 -5.98
CA PHE A 347 22.32 10.29 -5.73
C PHE A 347 22.62 9.88 -4.30
N LYS A 348 22.25 10.74 -3.36
CA LYS A 348 22.49 10.46 -1.94
C LYS A 348 21.94 9.09 -1.54
N PHE A 349 20.87 8.66 -2.21
CA PHE A 349 20.22 7.38 -1.93
C PHE A 349 20.79 6.23 -2.76
N SER A 350 21.65 6.53 -3.73
CA SER A 350 22.16 5.48 -4.61
C SER A 350 22.73 4.24 -3.90
N SER A 351 23.41 4.43 -2.78
CA SER A 351 23.96 3.26 -2.08
C SER A 351 22.80 2.41 -1.55
N GLY A 352 21.80 3.06 -0.98
CA GLY A 352 20.65 2.34 -0.46
C GLY A 352 19.85 1.67 -1.56
N VAL A 353 19.67 2.39 -2.67
CA VAL A 353 18.94 1.85 -3.81
C VAL A 353 19.64 0.63 -4.39
N GLY A 354 20.98 0.65 -4.37
CA GLY A 354 21.73 -0.47 -4.89
C GLY A 354 21.36 -1.72 -4.10
N GLU A 355 21.18 -1.54 -2.80
CA GLU A 355 20.81 -2.65 -1.93
C GLU A 355 19.38 -3.09 -2.22
N VAL A 356 18.49 -2.12 -2.41
CA VAL A 356 17.09 -2.43 -2.70
C VAL A 356 16.96 -3.18 -4.02
N LEU A 357 17.65 -2.71 -5.04
CA LEU A 357 17.61 -3.33 -6.36
C LEU A 357 18.14 -4.76 -6.31
N SER A 358 19.22 -4.97 -5.56
N SER A 358 19.22 -4.97 -5.56
CA SER A 358 19.81 -6.29 -5.43
CA SER A 358 19.81 -6.30 -5.44
C SER A 358 18.81 -7.24 -4.79
C SER A 358 18.81 -7.25 -4.80
N GLN A 359 18.12 -6.76 -3.77
CA GLN A 359 17.13 -7.57 -3.06
C GLN A 359 15.91 -7.89 -3.93
N LEU A 360 15.42 -6.91 -4.68
CA LEU A 360 14.26 -7.12 -5.54
C LEU A 360 14.59 -8.13 -6.65
N ALA A 361 15.79 -8.02 -7.22
CA ALA A 361 16.21 -8.91 -8.29
C ALA A 361 16.40 -10.35 -7.83
N LEU A 362 16.97 -10.53 -6.65
CA LEU A 362 17.22 -11.87 -6.11
C LEU A 362 16.05 -12.53 -5.39
N THR A 363 15.16 -11.73 -4.82
CA THR A 363 14.04 -12.29 -4.07
C THR A 363 12.66 -11.75 -4.42
N GLY A 364 12.61 -10.72 -5.25
CA GLY A 364 11.33 -10.14 -5.62
C GLY A 364 10.79 -9.24 -4.52
N LYS A 365 11.57 -9.08 -3.45
CA LYS A 365 11.18 -8.23 -2.33
C LYS A 365 12.39 -7.51 -1.75
N THR A 366 12.13 -6.54 -0.88
CA THR A 366 13.18 -5.78 -0.24
C THR A 366 12.77 -5.50 1.20
N GLU A 367 13.75 -5.48 2.11
CA GLU A 367 13.46 -5.21 3.51
C GLU A 367 13.04 -3.75 3.72
N HIS A 368 13.45 -2.88 2.79
CA HIS A 368 13.12 -1.46 2.91
C HIS A 368 11.70 -1.19 2.44
N ASP A 369 11.08 -0.16 3.01
CA ASP A 369 9.73 0.21 2.61
C ASP A 369 9.87 1.15 1.42
N ILE A 370 9.42 0.70 0.26
CA ILE A 370 9.52 1.49 -0.97
C ILE A 370 8.14 1.72 -1.62
N SER A 371 7.11 1.70 -0.79
CA SER A 371 5.74 1.88 -1.26
C SER A 371 5.51 3.17 -2.02
N ILE A 372 6.13 4.26 -1.60
CA ILE A 372 5.94 5.53 -2.28
C ILE A 372 6.64 5.61 -3.63
N PHE A 373 7.38 4.55 -3.99
CA PHE A 373 8.08 4.53 -5.27
C PHE A 373 7.45 3.54 -6.24
N SER A 374 6.25 3.07 -5.89
CA SER A 374 5.52 2.10 -6.72
C SER A 374 5.40 2.53 -8.17
N ILE A 375 5.64 1.60 -9.08
CA ILE A 375 5.57 1.90 -10.49
C ILE A 375 4.11 1.93 -10.95
N ASN A 376 3.21 1.47 -10.10
CA ASN A 376 1.78 1.44 -10.44
C ASN A 376 0.98 2.54 -9.74
N ARG A 377 1.65 3.46 -9.07
CA ARG A 377 0.91 4.53 -8.39
C ARG A 377 0.33 5.50 -9.42
N PRO A 378 -0.94 5.89 -9.22
CA PRO A 378 -1.66 6.81 -10.12
C PRO A 378 -1.00 8.17 -10.34
N ALA A 379 -0.38 8.72 -9.30
CA ALA A 379 0.27 10.02 -9.39
C ALA A 379 1.29 10.08 -10.54
N LEU A 380 1.72 8.91 -11.00
CA LEU A 380 2.69 8.84 -12.09
C LEU A 380 2.06 9.06 -13.46
N LYS A 381 0.81 8.62 -13.61
N LYS A 381 0.81 8.63 -13.62
CA LYS A 381 0.08 8.72 -14.85
CA LYS A 381 0.11 8.76 -14.91
C LYS A 381 0.71 7.77 -15.88
C LYS A 381 0.72 7.78 -15.89
N GLU A 382 1.17 6.63 -15.38
CA GLU A 382 1.80 5.62 -16.22
C GLU A 382 0.81 4.77 -17.00
N SER A 383 1.33 3.84 -17.80
CA SER A 383 0.50 2.95 -18.61
C SER A 383 1.39 2.01 -19.43
N LEU A 384 0.81 1.43 -20.47
CA LEU A 384 1.51 0.51 -21.37
C LEU A 384 1.20 0.89 -22.82
N GLN A 385 1.69 0.08 -23.76
CA GLN A 385 1.44 0.34 -25.18
C GLN A 385 0.19 -0.39 -25.65
N SER B 1 -18.25 -39.75 -7.63
CA SER B 1 -18.69 -40.96 -6.87
C SER B 1 -18.41 -40.78 -5.38
N THR B 2 -18.66 -41.83 -4.60
CA THR B 2 -18.42 -41.82 -3.16
C THR B 2 -19.53 -41.16 -2.34
N HIS B 3 -19.93 -41.84 -1.29
CA HIS B 3 -20.96 -41.34 -0.38
C HIS B 3 -20.22 -40.48 0.64
N PHE B 4 -20.96 -39.63 1.33
CA PHE B 4 -20.38 -38.79 2.37
C PHE B 4 -21.38 -38.72 3.50
N ASP B 5 -20.91 -38.38 4.69
CA ASP B 5 -21.81 -38.25 5.83
C ASP B 5 -22.63 -36.97 5.58
N VAL B 6 -21.92 -35.91 5.25
CA VAL B 6 -22.56 -34.62 5.00
C VAL B 6 -21.97 -33.93 3.78
N ILE B 7 -22.82 -33.22 3.05
CA ILE B 7 -22.40 -32.46 1.90
C ILE B 7 -22.77 -31.00 2.15
N VAL B 8 -21.79 -30.11 1.96
CA VAL B 8 -22.02 -28.69 2.14
C VAL B 8 -21.96 -28.05 0.77
N VAL B 9 -23.05 -27.42 0.35
CA VAL B 9 -23.10 -26.75 -0.94
C VAL B 9 -22.90 -25.26 -0.69
N GLY B 10 -21.74 -24.77 -1.10
CA GLY B 10 -21.41 -23.37 -0.90
C GLY B 10 -20.45 -23.32 0.28
N ALA B 11 -19.16 -23.40 0.00
CA ALA B 11 -18.14 -23.39 1.06
C ALA B 11 -17.58 -22.00 1.30
N GLY B 12 -18.47 -21.07 1.65
CA GLY B 12 -18.05 -19.71 1.92
C GLY B 12 -18.01 -19.44 3.40
N SER B 13 -18.47 -18.26 3.79
CA SER B 13 -18.47 -17.86 5.20
C SER B 13 -19.13 -18.87 6.13
N MET B 14 -20.35 -19.29 5.80
CA MET B 14 -21.07 -20.24 6.64
C MET B 14 -20.69 -21.69 6.35
N GLY B 15 -20.61 -22.04 5.07
CA GLY B 15 -20.29 -23.39 4.69
C GLY B 15 -18.93 -23.90 5.15
N MET B 16 -17.90 -23.09 4.99
CA MET B 16 -16.55 -23.51 5.38
C MET B 16 -16.46 -23.67 6.89
N ALA B 17 -17.17 -22.82 7.64
CA ALA B 17 -17.15 -22.92 9.10
C ALA B 17 -17.80 -24.24 9.49
N ALA B 18 -18.91 -24.57 8.82
CA ALA B 18 -19.61 -25.81 9.08
C ALA B 18 -18.71 -27.00 8.76
N GLY B 19 -18.02 -26.92 7.62
CA GLY B 19 -17.11 -27.98 7.23
C GLY B 19 -16.05 -28.22 8.28
N TYR B 20 -15.50 -27.14 8.82
CA TYR B 20 -14.48 -27.24 9.86
C TYR B 20 -15.06 -27.89 11.12
N GLN B 21 -16.26 -27.47 11.52
CA GLN B 21 -16.91 -28.05 12.70
C GLN B 21 -17.17 -29.54 12.52
N LEU B 22 -17.60 -29.93 11.31
CA LEU B 22 -17.87 -31.33 11.03
C LEU B 22 -16.58 -32.16 10.97
N ALA B 23 -15.60 -31.66 10.23
CA ALA B 23 -14.32 -32.37 10.10
C ALA B 23 -13.68 -32.61 11.46
N LYS B 24 -13.82 -31.64 12.36
CA LYS B 24 -13.26 -31.75 13.70
C LYS B 24 -13.83 -32.94 14.45
N GLN B 25 -15.04 -33.34 14.10
CA GLN B 25 -15.71 -34.47 14.74
C GLN B 25 -15.57 -35.77 13.96
N GLY B 26 -14.71 -35.77 12.96
CA GLY B 26 -14.52 -36.96 12.16
C GLY B 26 -15.67 -37.30 11.23
N VAL B 27 -16.55 -36.33 10.98
CA VAL B 27 -17.66 -36.56 10.08
C VAL B 27 -17.18 -36.40 8.64
N LYS B 28 -17.28 -37.48 7.86
CA LYS B 28 -16.83 -37.44 6.47
C LYS B 28 -17.62 -36.37 5.73
N THR B 29 -16.94 -35.30 5.34
CA THR B 29 -17.61 -34.18 4.69
C THR B 29 -17.07 -33.81 3.32
N LEU B 30 -17.98 -33.39 2.44
CA LEU B 30 -17.63 -32.93 1.11
C LEU B 30 -18.14 -31.50 0.99
N LEU B 31 -17.26 -30.58 0.62
CA LEU B 31 -17.64 -29.18 0.45
C LEU B 31 -17.50 -28.82 -1.02
N VAL B 32 -18.59 -28.37 -1.62
CA VAL B 32 -18.58 -28.00 -3.03
C VAL B 32 -18.75 -26.50 -3.18
N ASP B 33 -17.90 -25.88 -4.00
CA ASP B 33 -18.00 -24.45 -4.20
C ASP B 33 -17.83 -24.09 -5.67
N ALA B 34 -18.61 -23.12 -6.14
CA ALA B 34 -18.56 -22.66 -7.53
C ALA B 34 -17.20 -22.07 -7.85
N PHE B 35 -16.50 -21.60 -6.83
CA PHE B 35 -15.18 -21.01 -7.02
C PHE B 35 -14.14 -21.69 -6.12
N ASP B 36 -13.16 -20.93 -5.65
CA ASP B 36 -12.10 -21.47 -4.80
C ASP B 36 -11.92 -20.56 -3.58
N PRO B 37 -12.67 -20.84 -2.49
CA PRO B 37 -12.66 -20.09 -1.23
C PRO B 37 -11.32 -20.02 -0.51
N PRO B 38 -10.94 -18.83 -0.02
CA PRO B 38 -11.73 -17.60 -0.16
C PRO B 38 -11.53 -16.98 -1.54
N HIS B 39 -12.56 -16.30 -2.05
CA HIS B 39 -12.48 -15.66 -3.35
C HIS B 39 -13.13 -14.29 -3.34
N THR B 40 -13.13 -13.62 -4.48
CA THR B 40 -13.70 -12.28 -4.60
C THR B 40 -15.03 -12.22 -5.35
N ASN B 41 -15.71 -13.36 -5.46
CA ASN B 41 -16.99 -13.42 -6.17
C ASN B 41 -18.21 -13.48 -5.26
N GLY B 42 -17.97 -13.75 -3.98
CA GLY B 42 -19.08 -13.85 -3.03
C GLY B 42 -19.28 -12.66 -2.11
N SER B 43 -19.54 -12.96 -0.84
CA SER B 43 -19.80 -11.93 0.17
C SER B 43 -18.72 -11.84 1.26
N HIS B 44 -17.59 -12.52 1.09
CA HIS B 44 -16.57 -12.50 2.13
C HIS B 44 -15.25 -11.78 1.88
N HIS B 45 -15.09 -11.15 0.71
CA HIS B 45 -13.82 -10.46 0.47
C HIS B 45 -13.86 -9.01 0.95
N GLY B 46 -12.84 -8.25 0.62
CA GLY B 46 -12.78 -6.88 1.09
C GLY B 46 -11.87 -6.87 2.30
N ASP B 47 -11.28 -8.03 2.57
CA ASP B 47 -10.31 -8.21 3.64
C ASP B 47 -10.81 -8.20 5.09
N THR B 48 -11.61 -7.20 5.44
CA THR B 48 -12.09 -7.07 6.82
C THR B 48 -13.60 -7.02 7.08
N ARG B 49 -13.97 -7.45 8.28
CA ARG B 49 -15.37 -7.48 8.70
C ARG B 49 -15.47 -7.05 10.16
N ILE B 50 -16.52 -6.31 10.47
CA ILE B 50 -16.75 -5.86 11.84
C ILE B 50 -17.56 -6.87 12.65
N ILE B 51 -17.16 -7.07 13.90
CA ILE B 51 -17.93 -7.93 14.80
C ILE B 51 -18.31 -7.04 15.96
N ARG B 52 -19.60 -6.99 16.27
CA ARG B 52 -20.13 -6.18 17.36
C ARG B 52 -20.87 -7.14 18.28
N HIS B 53 -21.07 -6.75 19.53
CA HIS B 53 -21.79 -7.59 20.48
C HIS B 53 -23.14 -6.95 20.83
N ALA B 54 -23.13 -5.70 21.30
CA ALA B 54 -24.39 -5.00 21.60
C ALA B 54 -24.97 -4.81 20.20
N TYR B 55 -25.91 -5.66 19.81
CA TYR B 55 -26.45 -5.60 18.46
C TYR B 55 -27.59 -4.62 18.19
N GLY B 56 -27.31 -3.66 17.31
CA GLY B 56 -28.28 -2.64 16.94
C GLY B 56 -29.45 -3.17 16.13
N GLU B 57 -29.23 -4.23 15.36
CA GLU B 57 -30.28 -4.83 14.54
C GLU B 57 -31.27 -5.61 15.41
N GLY B 58 -30.92 -5.79 16.68
CA GLY B 58 -31.78 -6.53 17.58
C GLY B 58 -30.98 -7.23 18.66
N ARG B 59 -31.39 -7.06 19.91
CA ARG B 59 -30.71 -7.65 21.04
C ARG B 59 -30.71 -9.18 21.10
N GLU B 60 -31.57 -9.82 20.31
CA GLU B 60 -31.67 -11.29 20.30
C GLU B 60 -30.45 -11.98 19.71
N TYR B 61 -29.64 -11.20 19.00
CA TYR B 61 -28.44 -11.70 18.33
C TYR B 61 -27.24 -11.84 19.28
N VAL B 62 -27.29 -11.12 20.40
CA VAL B 62 -26.19 -11.11 21.36
C VAL B 62 -25.57 -12.46 21.74
N PRO B 63 -26.37 -13.43 22.21
CA PRO B 63 -25.80 -14.72 22.59
C PRO B 63 -24.96 -15.38 21.47
N LEU B 64 -25.46 -15.33 20.25
CA LEU B 64 -24.76 -15.91 19.11
C LEU B 64 -23.49 -15.12 18.76
N ALA B 65 -23.53 -13.80 18.97
CA ALA B 65 -22.38 -12.96 18.70
C ALA B 65 -21.29 -13.28 19.72
N LEU B 66 -21.70 -13.48 20.97
CA LEU B 66 -20.74 -13.79 22.02
C LEU B 66 -20.11 -15.16 21.82
N ARG B 67 -20.91 -16.15 21.44
CA ARG B 67 -20.39 -17.49 21.20
C ARG B 67 -19.46 -17.42 19.99
N SER B 68 -19.85 -16.64 18.99
CA SER B 68 -19.05 -16.50 17.78
C SER B 68 -17.70 -15.88 18.12
N GLN B 69 -17.70 -14.90 19.02
CA GLN B 69 -16.46 -14.26 19.42
C GLN B 69 -15.53 -15.29 20.07
N GLU B 70 -16.08 -16.11 20.96
CA GLU B 70 -15.31 -17.16 21.64
C GLU B 70 -14.68 -18.03 20.57
N LEU B 71 -15.46 -18.37 19.56
CA LEU B 71 -14.99 -19.21 18.48
C LEU B 71 -13.91 -18.54 17.63
N TRP B 72 -14.01 -17.22 17.47
CA TRP B 72 -13.00 -16.51 16.69
C TRP B 72 -11.68 -16.55 17.47
N TYR B 73 -11.76 -16.42 18.80
CA TYR B 73 -10.55 -16.46 19.61
C TYR B 73 -9.92 -17.84 19.52
N GLU B 74 -10.75 -18.88 19.48
CA GLU B 74 -10.24 -20.24 19.36
C GLU B 74 -9.52 -20.42 18.02
N LEU B 75 -10.11 -19.91 16.94
CA LEU B 75 -9.50 -20.03 15.63
C LEU B 75 -8.14 -19.36 15.57
N GLU B 76 -8.04 -18.19 16.20
CA GLU B 76 -6.80 -17.43 16.25
C GLU B 76 -5.66 -18.32 16.76
N LYS B 77 -5.95 -19.09 17.81
CA LYS B 77 -4.95 -19.96 18.40
C LYS B 77 -4.67 -21.21 17.58
N GLU B 78 -5.57 -21.53 16.67
CA GLU B 78 -5.41 -22.74 15.86
C GLU B 78 -4.69 -22.58 14.54
N THR B 79 -4.57 -21.35 14.05
CA THR B 79 -3.94 -21.12 12.76
C THR B 79 -2.85 -20.05 12.78
N HIS B 80 -2.04 -20.00 11.71
CA HIS B 80 -0.99 -19.01 11.61
C HIS B 80 -1.53 -17.74 10.97
N HIS B 81 -2.72 -17.85 10.37
CA HIS B 81 -3.37 -16.71 9.73
C HIS B 81 -3.92 -15.76 10.79
N LYS B 82 -3.86 -14.46 10.54
CA LYS B 82 -4.39 -13.49 11.49
C LYS B 82 -5.92 -13.52 11.41
N ILE B 83 -6.57 -13.59 12.57
CA ILE B 83 -8.02 -13.67 12.62
C ILE B 83 -8.77 -12.44 13.13
N PHE B 84 -8.35 -11.94 14.30
CA PHE B 84 -9.04 -10.83 14.93
C PHE B 84 -8.15 -9.78 15.61
N THR B 85 -8.54 -8.52 15.46
CA THR B 85 -7.84 -7.41 16.09
C THR B 85 -8.93 -6.67 16.86
N LYS B 86 -8.68 -6.39 18.13
CA LYS B 86 -9.68 -5.74 18.98
C LYS B 86 -9.62 -4.22 18.86
N THR B 87 -10.17 -3.69 17.78
CA THR B 87 -10.18 -2.26 17.51
C THR B 87 -11.25 -1.54 18.33
N GLY B 88 -12.27 -2.29 18.72
CA GLY B 88 -13.39 -1.69 19.43
C GLY B 88 -14.28 -1.19 18.31
N VAL B 89 -15.55 -0.96 18.60
CA VAL B 89 -16.46 -0.47 17.58
C VAL B 89 -17.24 0.70 18.11
N LEU B 90 -17.21 1.80 17.36
CA LEU B 90 -17.91 3.02 17.73
C LEU B 90 -19.22 3.15 16.96
N VAL B 91 -20.29 3.47 17.67
CA VAL B 91 -21.59 3.65 17.05
C VAL B 91 -22.12 5.03 17.44
N PHE B 92 -22.47 5.85 16.45
CA PHE B 92 -23.00 7.17 16.76
C PHE B 92 -24.07 7.62 15.77
N GLY B 93 -24.74 8.71 16.13
CA GLY B 93 -25.78 9.26 15.29
C GLY B 93 -26.45 10.43 15.99
N PRO B 94 -27.42 11.11 15.33
CA PRO B 94 -28.10 12.25 15.95
C PRO B 94 -28.88 11.80 17.18
N LYS B 95 -28.70 12.50 18.29
CA LYS B 95 -29.40 12.16 19.53
C LYS B 95 -30.91 12.01 19.33
N GLY B 96 -31.45 10.90 19.81
CA GLY B 96 -32.88 10.65 19.71
C GLY B 96 -33.43 10.46 18.30
N GLU B 97 -32.56 10.40 17.31
CA GLU B 97 -32.99 10.23 15.92
C GLU B 97 -32.37 9.03 15.23
N SER B 98 -32.02 8.01 16.02
CA SER B 98 -31.43 6.82 15.44
C SER B 98 -31.85 5.56 16.17
N ALA B 99 -32.70 4.76 15.54
CA ALA B 99 -33.17 3.51 16.12
C ALA B 99 -31.98 2.57 16.32
N PHE B 100 -31.01 2.67 15.40
CA PHE B 100 -29.82 1.82 15.47
C PHE B 100 -29.02 2.12 16.72
N VAL B 101 -28.72 3.39 16.92
CA VAL B 101 -27.98 3.82 18.10
C VAL B 101 -28.74 3.42 19.36
N ALA B 102 -30.04 3.70 19.37
CA ALA B 102 -30.89 3.38 20.53
C ALA B 102 -30.92 1.89 20.86
N GLU B 103 -31.16 1.04 19.87
CA GLU B 103 -31.21 -0.41 20.12
C GLU B 103 -29.84 -0.94 20.53
N THR B 104 -28.78 -0.34 20.01
CA THR B 104 -27.42 -0.78 20.36
C THR B 104 -27.23 -0.53 21.86
N MET B 105 -27.62 0.65 22.31
CA MET B 105 -27.49 1.02 23.72
C MET B 105 -28.31 0.08 24.60
N GLU B 106 -29.55 -0.16 24.19
CA GLU B 106 -30.43 -1.05 24.95
C GLU B 106 -29.88 -2.46 25.01
N ALA B 107 -29.34 -2.94 23.90
CA ALA B 107 -28.79 -4.29 23.87
C ALA B 107 -27.64 -4.37 24.85
N ALA B 108 -26.82 -3.32 24.88
CA ALA B 108 -25.67 -3.27 25.78
C ALA B 108 -26.14 -3.32 27.23
N LYS B 109 -27.19 -2.55 27.53
CA LYS B 109 -27.72 -2.50 28.88
C LYS B 109 -28.32 -3.85 29.29
N GLU B 110 -29.16 -4.41 28.44
CA GLU B 110 -29.81 -5.68 28.73
C GLU B 110 -28.86 -6.87 28.88
N HIS B 111 -27.75 -6.86 28.17
CA HIS B 111 -26.82 -7.97 28.28
C HIS B 111 -25.58 -7.66 29.11
N SER B 112 -25.63 -6.54 29.83
CA SER B 112 -24.54 -6.09 30.71
C SER B 112 -23.16 -6.08 30.03
N LEU B 113 -23.09 -5.52 28.83
CA LEU B 113 -21.85 -5.44 28.07
C LEU B 113 -21.05 -4.21 28.49
N THR B 114 -19.74 -4.30 28.37
CA THR B 114 -18.86 -3.20 28.72
C THR B 114 -18.81 -2.18 27.57
N VAL B 115 -19.38 -1.00 27.81
CA VAL B 115 -19.39 0.05 26.81
C VAL B 115 -19.19 1.43 27.42
N ASP B 116 -18.81 2.38 26.58
CA ASP B 116 -18.61 3.77 26.99
C ASP B 116 -19.67 4.59 26.30
N LEU B 117 -20.30 5.49 27.05
CA LEU B 117 -21.34 6.35 26.49
C LEU B 117 -20.81 7.78 26.50
N LEU B 118 -20.80 8.41 25.33
CA LEU B 118 -20.32 9.78 25.22
C LEU B 118 -21.13 10.50 24.16
N GLU B 119 -20.98 11.82 24.09
CA GLU B 119 -21.73 12.59 23.11
C GLU B 119 -21.06 13.90 22.71
N GLY B 120 -21.61 14.53 21.68
CA GLY B 120 -21.09 15.79 21.20
C GLY B 120 -19.58 15.86 21.06
N ASP B 121 -19.02 16.94 21.61
CA ASP B 121 -17.59 17.18 21.54
C ASP B 121 -16.71 16.11 22.20
N GLU B 122 -17.29 15.30 23.09
CA GLU B 122 -16.52 14.26 23.74
C GLU B 122 -16.04 13.26 22.69
N ILE B 123 -16.86 13.05 21.68
CA ILE B 123 -16.53 12.12 20.60
C ILE B 123 -15.35 12.66 19.82
N ASN B 124 -15.43 13.93 19.43
CA ASN B 124 -14.37 14.59 18.68
C ASN B 124 -13.07 14.63 19.46
N LYS B 125 -13.18 14.84 20.78
CA LYS B 125 -12.00 14.92 21.63
C LYS B 125 -11.31 13.58 21.81
N ARG B 126 -12.08 12.52 22.05
CA ARG B 126 -11.48 11.21 22.22
C ARG B 126 -10.85 10.69 20.94
N TRP B 127 -11.54 10.88 19.82
CA TRP B 127 -11.02 10.41 18.55
C TRP B 127 -10.76 11.52 17.54
N PRO B 128 -9.55 12.11 17.60
CA PRO B 128 -9.26 13.17 16.63
C PRO B 128 -9.44 12.51 15.27
N GLY B 129 -10.09 13.22 14.35
CA GLY B 129 -10.32 12.64 13.04
C GLY B 129 -11.80 12.49 12.82
N ILE B 130 -12.56 12.49 13.92
CA ILE B 130 -14.00 12.38 13.85
C ILE B 130 -14.60 13.74 14.17
N THR B 131 -15.50 14.21 13.32
CA THR B 131 -16.15 15.49 13.53
C THR B 131 -17.66 15.35 13.36
N VAL B 132 -18.37 15.28 14.47
CA VAL B 132 -19.83 15.16 14.46
C VAL B 132 -20.44 16.36 15.15
N PRO B 133 -21.69 16.70 14.81
CA PRO B 133 -22.37 17.85 15.43
C PRO B 133 -22.54 17.61 16.93
N GLU B 134 -22.75 18.68 17.69
CA GLU B 134 -22.92 18.59 19.14
C GLU B 134 -24.15 17.80 19.56
N ASN B 135 -25.15 17.71 18.68
CA ASN B 135 -26.38 17.01 18.99
C ASN B 135 -26.28 15.51 18.75
N TYR B 136 -25.07 15.02 18.48
CA TYR B 136 -24.86 13.59 18.26
C TYR B 136 -24.41 12.92 19.55
N ASN B 137 -24.75 11.65 19.70
CA ASN B 137 -24.35 10.89 20.88
C ASN B 137 -23.79 9.56 20.37
N ALA B 138 -23.09 8.83 21.22
CA ALA B 138 -22.50 7.57 20.78
C ALA B 138 -22.31 6.55 21.88
N ILE B 139 -22.05 5.33 21.46
CA ILE B 139 -21.78 4.23 22.37
C ILE B 139 -20.61 3.48 21.77
N PHE B 140 -19.56 3.33 22.56
CA PHE B 140 -18.35 2.65 22.11
C PHE B 140 -18.23 1.31 22.81
N GLU B 141 -17.92 0.28 22.03
CA GLU B 141 -17.75 -1.07 22.56
C GLU B 141 -16.27 -1.41 22.36
N PRO B 142 -15.47 -1.32 23.43
CA PRO B 142 -14.03 -1.60 23.37
C PRO B 142 -13.58 -3.04 23.11
N ASN B 143 -14.41 -4.02 23.46
CA ASN B 143 -14.01 -5.41 23.29
C ASN B 143 -14.37 -6.10 21.98
N SER B 144 -15.12 -5.41 21.13
CA SER B 144 -15.48 -5.99 19.84
C SER B 144 -14.42 -5.50 18.85
N GLY B 145 -14.53 -5.89 17.59
CA GLY B 145 -13.50 -5.44 16.67
C GLY B 145 -13.59 -5.81 15.21
N VAL B 146 -12.45 -6.18 14.65
CA VAL B 146 -12.35 -6.49 13.23
C VAL B 146 -11.86 -7.89 12.94
N LEU B 147 -12.57 -8.58 12.06
CA LEU B 147 -12.20 -9.93 11.64
C LEU B 147 -11.64 -9.85 10.23
N PHE B 148 -10.64 -10.68 9.94
CA PHE B 148 -10.06 -10.72 8.61
C PHE B 148 -10.74 -11.92 7.97
N SER B 149 -11.92 -11.64 7.42
CA SER B 149 -12.80 -12.62 6.80
C SER B 149 -12.21 -13.61 5.81
N GLU B 150 -11.32 -13.15 4.95
CA GLU B 150 -10.72 -14.06 3.99
C GLU B 150 -9.79 -15.02 4.71
N ASN B 151 -9.12 -14.54 5.75
CA ASN B 151 -8.22 -15.38 6.52
C ASN B 151 -9.03 -16.41 7.31
N CYS B 152 -10.20 -16.00 7.79
CA CYS B 152 -11.08 -16.88 8.55
C CYS B 152 -11.47 -18.09 7.70
N ILE B 153 -11.95 -17.83 6.49
CA ILE B 153 -12.37 -18.90 5.60
C ILE B 153 -11.20 -19.76 5.18
N ARG B 154 -10.07 -19.14 4.88
CA ARG B 154 -8.87 -19.88 4.46
C ARG B 154 -8.37 -20.78 5.61
N ALA B 155 -8.43 -20.27 6.83
CA ALA B 155 -7.99 -21.03 8.00
C ALA B 155 -8.94 -22.21 8.22
N TYR B 156 -10.24 -21.94 8.21
CA TYR B 156 -11.21 -23.00 8.41
C TYR B 156 -11.03 -24.09 7.36
N ARG B 157 -10.77 -23.69 6.13
CA ARG B 157 -10.59 -24.65 5.05
C ARG B 157 -9.35 -25.51 5.25
N GLU B 158 -8.23 -24.89 5.57
CA GLU B 158 -6.99 -25.61 5.77
C GLU B 158 -7.11 -26.59 6.93
N LEU B 159 -7.77 -26.16 8.00
CA LEU B 159 -7.96 -27.01 9.16
C LEU B 159 -8.89 -28.17 8.83
N ALA B 160 -9.97 -27.87 8.12
CA ALA B 160 -10.94 -28.88 7.74
C ALA B 160 -10.33 -29.95 6.83
N GLU B 161 -9.65 -29.51 5.78
CA GLU B 161 -9.02 -30.46 4.86
C GLU B 161 -7.99 -31.32 5.56
N ALA B 162 -7.22 -30.73 6.47
CA ALA B 162 -6.20 -31.47 7.20
C ALA B 162 -6.86 -32.60 7.99
N ARG B 163 -8.07 -32.36 8.48
CA ARG B 163 -8.77 -33.37 9.25
C ARG B 163 -9.64 -34.31 8.43
N GLY B 164 -9.53 -34.24 7.11
CA GLY B 164 -10.30 -35.14 6.27
C GLY B 164 -11.30 -34.57 5.30
N ALA B 165 -11.86 -33.40 5.60
CA ALA B 165 -12.84 -32.79 4.71
C ALA B 165 -12.33 -32.68 3.28
N LYS B 166 -13.22 -32.89 2.32
CA LYS B 166 -12.87 -32.79 0.91
C LYS B 166 -13.52 -31.54 0.33
N VAL B 167 -12.76 -30.78 -0.45
CA VAL B 167 -13.27 -29.56 -1.05
C VAL B 167 -13.20 -29.64 -2.57
N LEU B 168 -14.35 -29.55 -3.21
CA LEU B 168 -14.44 -29.60 -4.67
C LEU B 168 -14.68 -28.17 -5.12
N THR B 169 -13.66 -27.58 -5.73
CA THR B 169 -13.72 -26.20 -6.20
C THR B 169 -14.14 -26.05 -7.65
N HIS B 170 -14.51 -24.83 -8.01
CA HIS B 170 -14.93 -24.52 -9.37
C HIS B 170 -15.97 -25.50 -9.88
N THR B 171 -16.86 -25.91 -8.97
CA THR B 171 -17.91 -26.85 -9.29
C THR B 171 -19.26 -26.30 -8.83
N ARG B 172 -20.08 -25.87 -9.79
CA ARG B 172 -21.38 -25.32 -9.46
C ARG B 172 -22.48 -26.38 -9.38
N VAL B 173 -23.15 -26.43 -8.24
CA VAL B 173 -24.24 -27.39 -8.05
C VAL B 173 -25.40 -26.83 -8.83
N GLU B 174 -26.03 -27.67 -9.64
CA GLU B 174 -27.14 -27.24 -10.47
C GLU B 174 -28.51 -27.74 -10.06
N ASP B 175 -28.55 -28.81 -9.28
CA ASP B 175 -29.82 -29.35 -8.85
C ASP B 175 -29.70 -30.25 -7.64
N PHE B 176 -30.84 -30.51 -7.01
CA PHE B 176 -30.89 -31.35 -5.82
C PHE B 176 -31.93 -32.46 -5.98
N ASP B 177 -31.66 -33.60 -5.38
CA ASP B 177 -32.56 -34.74 -5.40
C ASP B 177 -32.57 -35.26 -3.97
N ILE B 178 -33.61 -34.92 -3.22
CA ILE B 178 -33.70 -35.31 -1.82
C ILE B 178 -34.66 -36.46 -1.55
N SER B 179 -34.20 -37.43 -0.77
CA SER B 179 -35.02 -38.56 -0.39
C SER B 179 -35.01 -38.59 1.14
N PRO B 180 -35.94 -39.33 1.75
CA PRO B 180 -36.00 -39.39 3.22
C PRO B 180 -34.76 -39.97 3.92
N ASP B 181 -33.99 -40.78 3.20
CA ASP B 181 -32.81 -41.40 3.79
C ASP B 181 -31.48 -40.95 3.19
N SER B 182 -31.52 -40.00 2.26
CA SER B 182 -30.28 -39.50 1.65
C SER B 182 -30.50 -38.25 0.85
N VAL B 183 -29.40 -37.62 0.45
CA VAL B 183 -29.44 -36.39 -0.32
C VAL B 183 -28.47 -36.53 -1.48
N LYS B 184 -28.77 -35.90 -2.61
CA LYS B 184 -27.91 -35.97 -3.77
C LYS B 184 -27.85 -34.63 -4.49
N ILE B 185 -26.68 -34.28 -5.00
CA ILE B 185 -26.50 -33.03 -5.71
C ILE B 185 -26.02 -33.32 -7.14
N GLU B 186 -26.25 -32.38 -8.06
CA GLU B 186 -25.83 -32.58 -9.45
C GLU B 186 -24.84 -31.59 -10.05
N THR B 187 -23.65 -32.08 -10.39
CA THR B 187 -22.62 -31.24 -11.00
C THR B 187 -22.01 -32.05 -12.17
N ALA B 188 -21.01 -31.49 -12.83
CA ALA B 188 -20.36 -32.17 -13.97
C ALA B 188 -19.45 -33.33 -13.59
N ASN B 189 -18.50 -33.09 -12.68
CA ASN B 189 -17.58 -34.14 -12.24
C ASN B 189 -18.33 -35.37 -11.70
N GLY B 190 -19.65 -35.32 -11.80
CA GLY B 190 -20.49 -36.41 -11.33
C GLY B 190 -21.51 -35.93 -10.32
N SER B 191 -22.20 -36.86 -9.69
CA SER B 191 -23.20 -36.51 -8.69
C SER B 191 -22.68 -37.05 -7.36
N TYR B 192 -22.97 -36.34 -6.28
CA TYR B 192 -22.51 -36.78 -4.97
C TYR B 192 -23.69 -37.01 -4.03
N THR B 193 -23.52 -37.97 -3.13
CA THR B 193 -24.58 -38.31 -2.18
C THR B 193 -24.07 -38.32 -0.75
N ALA B 194 -24.99 -38.07 0.18
CA ALA B 194 -24.68 -38.05 1.59
C ALA B 194 -25.96 -38.30 2.37
N ASP B 195 -25.85 -38.36 3.70
CA ASP B 195 -26.99 -38.56 4.57
C ASP B 195 -27.62 -37.21 4.89
N LYS B 196 -26.79 -36.17 4.93
CA LYS B 196 -27.25 -34.83 5.27
C LYS B 196 -26.70 -33.77 4.31
N LEU B 197 -27.47 -32.71 4.11
CA LEU B 197 -27.09 -31.63 3.22
C LEU B 197 -27.19 -30.27 3.89
N ILE B 198 -26.17 -29.44 3.67
CA ILE B 198 -26.16 -28.09 4.22
C ILE B 198 -26.07 -27.16 3.00
N VAL B 199 -27.06 -26.28 2.86
CA VAL B 199 -27.09 -25.35 1.74
C VAL B 199 -26.72 -23.96 2.23
N SER B 200 -25.63 -23.42 1.69
CA SER B 200 -25.14 -22.09 2.08
C SER B 200 -24.44 -21.44 0.89
N MET B 201 -25.23 -21.14 -0.14
CA MET B 201 -24.68 -20.56 -1.36
C MET B 201 -24.70 -19.04 -1.41
N GLY B 202 -24.90 -18.39 -0.27
CA GLY B 202 -24.91 -16.94 -0.24
C GLY B 202 -25.87 -16.28 -1.22
N ALA B 203 -25.36 -15.32 -1.99
CA ALA B 203 -26.18 -14.59 -2.95
C ALA B 203 -26.91 -15.52 -3.91
N TRP B 204 -26.32 -16.69 -4.18
CA TRP B 204 -26.91 -17.65 -5.09
C TRP B 204 -28.10 -18.44 -4.53
N ASN B 205 -28.40 -18.26 -3.24
CA ASN B 205 -29.53 -18.93 -2.63
C ASN B 205 -30.81 -18.37 -3.29
N SER B 206 -30.74 -17.13 -3.72
CA SER B 206 -31.88 -16.47 -4.35
C SER B 206 -32.18 -17.01 -5.76
N LYS B 207 -31.37 -17.96 -6.22
CA LYS B 207 -31.58 -18.54 -7.54
C LYS B 207 -31.69 -20.06 -7.52
N LEU B 208 -31.00 -20.70 -6.57
CA LEU B 208 -31.00 -22.15 -6.48
C LEU B 208 -31.90 -22.79 -5.42
N LEU B 209 -32.46 -21.99 -4.53
CA LEU B 209 -33.33 -22.56 -3.50
C LEU B 209 -34.63 -23.05 -4.12
N SER B 210 -34.97 -22.53 -5.30
CA SER B 210 -36.17 -22.97 -5.99
C SER B 210 -36.02 -24.43 -6.37
N LYS B 211 -34.76 -24.86 -6.54
CA LYS B 211 -34.47 -26.25 -6.88
C LYS B 211 -34.81 -27.19 -5.73
N LEU B 212 -35.03 -26.60 -4.55
CA LEU B 212 -35.37 -27.38 -3.36
C LEU B 212 -36.83 -27.13 -3.01
N ASN B 213 -37.61 -26.73 -4.00
CA ASN B 213 -39.03 -26.49 -3.82
C ASN B 213 -39.31 -25.39 -2.79
N LEU B 214 -38.41 -24.41 -2.70
CA LEU B 214 -38.60 -23.32 -1.76
C LEU B 214 -38.75 -22.01 -2.53
N ASP B 215 -39.75 -21.22 -2.15
CA ASP B 215 -40.01 -19.95 -2.79
C ASP B 215 -39.90 -18.86 -1.74
N ILE B 216 -38.69 -18.40 -1.50
CA ILE B 216 -38.44 -17.37 -0.49
C ILE B 216 -37.83 -16.13 -1.10
N PRO B 217 -38.44 -14.96 -0.84
CA PRO B 217 -37.94 -13.69 -1.36
C PRO B 217 -36.55 -13.37 -0.83
N LEU B 218 -35.57 -13.35 -1.72
CA LEU B 218 -34.18 -13.04 -1.36
C LEU B 218 -33.65 -12.08 -2.44
N GLN B 219 -33.15 -10.94 -2.03
CA GLN B 219 -32.64 -9.96 -2.99
C GLN B 219 -31.15 -9.64 -2.85
N PRO B 220 -30.36 -10.02 -3.87
CA PRO B 220 -28.92 -9.74 -3.82
C PRO B 220 -28.70 -8.26 -4.11
N TYR B 221 -27.75 -7.65 -3.40
CA TYR B 221 -27.44 -6.23 -3.57
C TYR B 221 -25.94 -6.02 -3.77
N ARG B 222 -25.59 -5.14 -4.71
CA ARG B 222 -24.20 -4.82 -4.98
C ARG B 222 -23.77 -3.78 -3.95
N GLN B 223 -22.78 -4.13 -3.12
CA GLN B 223 -22.30 -3.22 -2.08
C GLN B 223 -20.78 -3.05 -2.21
N VAL B 224 -20.35 -1.81 -2.35
CA VAL B 224 -18.93 -1.53 -2.50
C VAL B 224 -18.32 -0.93 -1.23
N VAL B 225 -16.99 -0.98 -1.16
CA VAL B 225 -16.23 -0.42 -0.05
C VAL B 225 -14.98 0.17 -0.67
N GLY B 226 -14.47 1.25 -0.09
CA GLY B 226 -13.28 1.88 -0.61
C GLY B 226 -12.25 2.13 0.49
N PHE B 227 -10.97 2.04 0.12
CA PHE B 227 -9.87 2.30 1.04
C PHE B 227 -9.29 3.65 0.62
N PHE B 228 -9.14 4.57 1.56
CA PHE B 228 -8.62 5.90 1.25
C PHE B 228 -7.34 6.29 1.99
N GLU B 229 -6.42 6.92 1.28
CA GLU B 229 -5.17 7.39 1.87
C GLU B 229 -5.61 8.31 3.00
N SER B 230 -5.14 8.06 4.22
CA SER B 230 -5.56 8.86 5.37
C SER B 230 -4.43 9.35 6.26
N ASP B 231 -4.78 10.29 7.13
CA ASP B 231 -3.82 10.83 8.08
C ASP B 231 -3.59 9.74 9.12
N GLU B 232 -2.50 9.01 8.95
CA GLU B 232 -2.16 7.91 9.85
C GLU B 232 -2.04 8.28 11.31
N SER B 233 -1.70 9.54 11.60
CA SER B 233 -1.57 9.96 12.99
C SER B 233 -2.94 10.03 13.66
N LYS B 234 -3.99 9.90 12.85
CA LYS B 234 -5.35 9.96 13.38
C LYS B 234 -6.20 8.72 13.12
N TYR B 235 -6.06 8.12 11.94
CA TYR B 235 -6.88 6.98 11.56
C TYR B 235 -6.29 5.58 11.63
N SER B 236 -5.06 5.46 12.11
CA SER B 236 -4.43 4.15 12.20
C SER B 236 -4.94 3.34 13.38
N ASN B 237 -4.97 2.03 13.21
CA ASN B 237 -5.39 1.14 14.29
C ASN B 237 -4.41 1.35 15.44
N ASP B 238 -3.15 1.64 15.09
CA ASP B 238 -2.08 1.85 16.06
C ASP B 238 -2.35 2.98 17.04
N ILE B 239 -3.13 3.98 16.63
CA ILE B 239 -3.45 5.10 17.50
C ILE B 239 -4.89 4.95 18.01
N ASP B 240 -5.36 3.71 18.02
CA ASP B 240 -6.69 3.33 18.49
C ASP B 240 -7.91 3.91 17.78
N PHE B 241 -7.79 4.25 16.50
CA PHE B 241 -8.96 4.73 15.78
C PHE B 241 -9.82 3.46 15.72
N PRO B 242 -11.10 3.56 16.07
CA PRO B 242 -11.97 2.39 16.06
C PRO B 242 -12.66 2.01 14.76
N GLY B 243 -13.23 0.80 14.76
CA GLY B 243 -14.02 0.35 13.64
C GLY B 243 -15.32 1.06 13.97
N PHE B 244 -16.20 1.27 12.99
CA PHE B 244 -17.43 1.98 13.28
C PHE B 244 -18.62 1.66 12.38
N MET B 245 -19.81 1.92 12.90
CA MET B 245 -21.05 1.75 12.17
C MET B 245 -21.93 2.86 12.72
N VAL B 246 -22.26 3.82 11.87
CA VAL B 246 -23.05 4.96 12.31
C VAL B 246 -24.23 5.28 11.40
N GLU B 247 -25.18 6.03 11.95
CA GLU B 247 -26.35 6.43 11.19
C GLU B 247 -26.42 7.95 11.10
N VAL B 248 -26.50 8.45 9.88
CA VAL B 248 -26.61 9.88 9.64
C VAL B 248 -27.90 10.07 8.86
N PRO B 249 -28.33 11.32 8.63
CA PRO B 249 -29.56 11.57 7.89
C PRO B 249 -29.78 10.77 6.61
N ASN B 250 -28.75 10.61 5.78
CA ASN B 250 -28.93 9.85 4.55
C ASN B 250 -28.74 8.33 4.68
N GLY B 251 -28.51 7.83 5.89
CA GLY B 251 -28.35 6.40 6.05
C GLY B 251 -27.26 5.89 6.98
N ILE B 252 -26.90 4.62 6.79
CA ILE B 252 -25.89 3.96 7.62
C ILE B 252 -24.58 3.71 6.91
N TYR B 253 -23.49 4.08 7.57
CA TYR B 253 -22.15 3.90 7.04
C TYR B 253 -21.34 3.06 8.03
N TYR B 254 -20.31 2.40 7.52
CA TYR B 254 -19.45 1.59 8.37
C TYR B 254 -18.02 1.73 7.90
N GLY B 255 -17.07 1.57 8.81
CA GLY B 255 -15.69 1.71 8.45
C GLY B 255 -14.72 1.01 9.37
N PHE B 256 -13.46 1.01 8.95
CA PHE B 256 -12.38 0.36 9.66
C PHE B 256 -11.17 1.29 9.73
N PRO B 257 -10.40 1.22 10.81
CA PRO B 257 -9.22 2.08 10.90
C PRO B 257 -8.19 1.56 9.90
N SER B 258 -7.17 2.37 9.60
CA SER B 258 -6.12 1.97 8.67
C SER B 258 -5.22 0.95 9.34
N PHE B 259 -5.00 -0.19 8.68
CA PHE B 259 -4.14 -1.24 9.23
C PHE B 259 -2.84 -1.25 8.45
N GLY B 260 -1.72 -0.99 9.12
CA GLY B 260 -0.44 -0.98 8.45
C GLY B 260 -0.42 -0.05 7.24
N GLY B 261 -1.15 1.06 7.35
CA GLY B 261 -1.18 2.03 6.26
C GLY B 261 -2.03 1.69 5.03
N CYS B 262 -2.92 0.71 5.16
CA CYS B 262 -3.75 0.33 4.01
C CYS B 262 -4.78 1.42 3.75
N GLY B 263 -4.90 2.35 4.68
CA GLY B 263 -5.84 3.45 4.55
C GLY B 263 -7.18 3.12 5.20
N LEU B 264 -7.95 4.14 5.55
CA LEU B 264 -9.26 3.92 6.16
C LEU B 264 -10.19 3.32 5.11
N LYS B 265 -10.99 2.35 5.55
CA LYS B 265 -11.94 1.68 4.66
C LYS B 265 -13.35 2.10 5.06
N LEU B 266 -14.15 2.46 4.06
CA LEU B 266 -15.52 2.91 4.30
C LEU B 266 -16.52 2.24 3.37
N GLY B 267 -17.74 2.07 3.89
CA GLY B 267 -18.81 1.49 3.11
C GLY B 267 -20.13 2.17 3.43
N TYR B 268 -21.02 2.23 2.45
CA TYR B 268 -22.34 2.82 2.62
C TYR B 268 -23.29 1.63 2.58
N ASN B 269 -23.91 1.36 3.72
CA ASN B 269 -24.81 0.21 3.90
C ASN B 269 -26.26 0.40 3.48
N THR B 270 -26.78 1.61 3.62
CA THR B 270 -28.17 1.90 3.27
C THR B 270 -28.53 1.71 1.81
N PHE B 271 -27.56 1.98 0.92
CA PHE B 271 -27.81 1.86 -0.51
C PHE B 271 -26.98 0.77 -1.20
N GLY B 272 -27.51 0.28 -2.32
CA GLY B 272 -26.85 -0.75 -3.09
C GLY B 272 -27.66 -1.08 -4.33
N GLN B 273 -27.02 -1.51 -5.41
CA GLN B 273 -27.76 -1.84 -6.62
C GLN B 273 -28.31 -3.27 -6.56
N LYS B 274 -29.59 -3.43 -6.92
CA LYS B 274 -30.20 -4.75 -6.95
C LYS B 274 -29.59 -5.44 -8.16
N ILE B 275 -29.02 -6.62 -7.95
CA ILE B 275 -28.38 -7.34 -9.05
C ILE B 275 -28.57 -8.85 -9.03
N ASP B 276 -27.98 -9.49 -10.03
CA ASP B 276 -28.02 -10.94 -10.14
C ASP B 276 -26.57 -11.37 -9.89
N PRO B 277 -26.36 -12.32 -8.97
CA PRO B 277 -25.00 -12.77 -8.67
C PRO B 277 -24.20 -13.28 -9.87
N ASP B 278 -24.88 -13.62 -10.96
CA ASP B 278 -24.22 -14.14 -12.15
C ASP B 278 -23.84 -13.06 -13.16
N THR B 279 -24.42 -11.86 -13.03
CA THR B 279 -24.12 -10.79 -13.98
C THR B 279 -23.66 -9.49 -13.31
N ILE B 280 -23.47 -9.54 -12.00
CA ILE B 280 -23.03 -8.36 -11.25
C ILE B 280 -21.67 -7.85 -11.74
N ASN B 281 -21.54 -6.54 -11.81
CA ASN B 281 -20.28 -5.92 -12.24
C ASN B 281 -19.46 -5.68 -10.97
N ARG B 282 -18.38 -6.45 -10.82
CA ARG B 282 -17.53 -6.36 -9.65
C ARG B 282 -16.38 -5.37 -9.75
N GLU B 283 -16.50 -4.38 -10.63
CA GLU B 283 -15.45 -3.38 -10.77
C GLU B 283 -15.86 -2.12 -10.02
N PHE B 284 -15.00 -1.70 -9.10
CA PHE B 284 -15.30 -0.50 -8.31
C PHE B 284 -15.15 0.74 -9.19
N GLY B 285 -16.11 1.66 -9.10
CA GLY B 285 -16.06 2.87 -9.88
C GLY B 285 -16.93 2.90 -11.14
N VAL B 286 -17.51 1.77 -11.52
CA VAL B 286 -18.34 1.72 -12.72
C VAL B 286 -19.59 2.59 -12.56
N TYR B 287 -19.99 2.82 -11.32
CA TYR B 287 -21.15 3.66 -11.03
C TYR B 287 -20.61 4.86 -10.27
N PRO B 288 -21.04 6.08 -10.64
CA PRO B 288 -20.56 7.26 -9.95
C PRO B 288 -20.84 7.27 -8.44
N GLU B 289 -21.86 6.53 -8.01
CA GLU B 289 -22.21 6.48 -6.59
C GLU B 289 -21.13 5.76 -5.78
N ASP B 290 -20.48 4.78 -6.40
CA ASP B 290 -19.45 4.00 -5.74
C ASP B 290 -18.51 4.87 -4.91
N GLU B 291 -17.83 5.81 -5.56
CA GLU B 291 -16.90 6.67 -4.86
C GLU B 291 -17.53 7.94 -4.27
N SER B 292 -18.54 8.49 -4.95
CA SER B 292 -19.18 9.72 -4.47
C SER B 292 -19.89 9.58 -3.11
N ASN B 293 -20.62 8.49 -2.92
CA ASN B 293 -21.33 8.29 -1.65
C ASN B 293 -20.36 8.21 -0.47
N LEU B 294 -19.19 7.62 -0.70
CA LEU B 294 -18.19 7.48 0.34
C LEU B 294 -17.50 8.80 0.68
N ARG B 295 -17.08 9.56 -0.34
CA ARG B 295 -16.41 10.83 -0.08
C ARG B 295 -17.32 11.88 0.55
N ALA B 296 -18.62 11.79 0.28
CA ALA B 296 -19.57 12.72 0.86
C ALA B 296 -19.58 12.54 2.38
N PHE B 297 -19.43 11.29 2.82
CA PHE B 297 -19.40 11.01 4.25
C PHE B 297 -18.08 11.49 4.87
N LEU B 298 -16.97 11.04 4.26
CA LEU B 298 -15.64 11.39 4.76
C LEU B 298 -15.40 12.90 4.86
N GLU B 299 -15.87 13.63 3.87
CA GLU B 299 -15.69 15.08 3.86
C GLU B 299 -16.38 15.75 5.05
N GLU B 300 -17.48 15.14 5.50
CA GLU B 300 -18.25 15.70 6.62
C GLU B 300 -17.87 15.19 8.01
N TYR B 301 -17.58 13.90 8.13
CA TYR B 301 -17.28 13.30 9.42
C TYR B 301 -15.84 12.89 9.72
N MET B 302 -15.07 12.57 8.68
CA MET B 302 -13.68 12.16 8.87
C MET B 302 -12.87 12.77 7.73
N PRO B 303 -12.78 14.10 7.71
CA PRO B 303 -12.05 14.87 6.69
C PRO B 303 -10.61 14.47 6.43
N GLY B 304 -9.90 14.03 7.47
CA GLY B 304 -8.51 13.64 7.30
C GLY B 304 -8.28 12.32 6.59
N ALA B 305 -9.35 11.59 6.31
CA ALA B 305 -9.25 10.31 5.63
C ALA B 305 -9.87 10.36 4.23
N ASN B 306 -10.02 11.56 3.68
CA ASN B 306 -10.62 11.73 2.36
C ASN B 306 -9.55 11.94 1.29
N GLY B 307 -8.54 11.09 1.28
CA GLY B 307 -7.47 11.21 0.30
C GLY B 307 -7.65 10.33 -0.93
N GLU B 308 -6.55 10.08 -1.64
CA GLU B 308 -6.64 9.25 -2.84
C GLU B 308 -7.23 7.87 -2.56
N LEU B 309 -8.06 7.39 -3.47
CA LEU B 309 -8.65 6.08 -3.34
C LEU B 309 -7.51 5.10 -3.58
N LYS B 310 -7.24 4.25 -2.60
CA LYS B 310 -6.16 3.28 -2.74
C LYS B 310 -6.63 1.94 -3.28
N ARG B 311 -7.83 1.54 -2.89
CA ARG B 311 -8.37 0.26 -3.31
C ARG B 311 -9.89 0.28 -3.19
N GLY B 312 -10.54 -0.59 -3.96
CA GLY B 312 -11.99 -0.69 -3.93
C GLY B 312 -12.38 -2.13 -4.08
N ALA B 313 -13.54 -2.50 -3.54
CA ALA B 313 -14.02 -3.87 -3.63
C ALA B 313 -15.53 -3.89 -3.82
N VAL B 314 -16.01 -4.87 -4.58
CA VAL B 314 -17.44 -5.00 -4.85
C VAL B 314 -17.88 -6.32 -4.25
N CYS B 315 -18.87 -6.25 -3.37
CA CYS B 315 -19.34 -7.43 -2.67
C CYS B 315 -20.87 -7.45 -2.62
N MET B 316 -21.46 -8.60 -2.26
CA MET B 316 -22.92 -8.72 -2.24
C MET B 316 -23.60 -9.01 -0.90
N TYR B 317 -24.76 -8.37 -0.69
CA TYR B 317 -25.58 -8.62 0.49
C TYR B 317 -26.69 -9.50 -0.10
N THR B 318 -27.39 -10.27 0.75
CA THR B 318 -28.51 -11.09 0.27
C THR B 318 -29.58 -10.88 1.36
N LYS B 319 -30.50 -9.97 1.08
CA LYS B 319 -31.54 -9.63 2.04
C LYS B 319 -32.84 -10.39 2.03
N THR B 320 -33.42 -10.52 3.22
CA THR B 320 -34.72 -11.14 3.42
C THR B 320 -35.60 -9.92 3.67
N LEU B 321 -36.92 -10.11 3.67
CA LEU B 321 -37.83 -8.99 3.91
C LEU B 321 -37.69 -8.33 5.26
N ASP B 322 -37.41 -9.12 6.30
CA ASP B 322 -37.27 -8.56 7.65
C ASP B 322 -35.80 -8.38 8.03
N GLU B 323 -34.93 -8.65 7.08
CA GLU B 323 -33.48 -8.52 7.26
C GLU B 323 -32.87 -9.39 8.36
N HIS B 324 -33.60 -10.44 8.77
CA HIS B 324 -33.07 -11.37 9.76
C HIS B 324 -32.68 -12.62 8.99
N PHE B 325 -31.70 -13.36 9.49
CA PHE B 325 -31.22 -14.55 8.80
C PHE B 325 -32.21 -15.68 8.65
N ILE B 326 -31.78 -16.70 7.90
CA ILE B 326 -32.55 -17.92 7.71
C ILE B 326 -31.58 -19.05 8.04
N ILE B 327 -31.82 -19.71 9.18
CA ILE B 327 -30.99 -20.82 9.63
C ILE B 327 -32.02 -21.82 10.16
N ASP B 328 -32.25 -22.90 9.42
CA ASP B 328 -33.29 -23.83 9.83
C ASP B 328 -33.22 -25.08 8.96
N LEU B 329 -34.03 -26.07 9.30
CA LEU B 329 -34.11 -27.30 8.53
C LEU B 329 -35.13 -27.03 7.43
N HIS B 330 -35.00 -27.74 6.33
CA HIS B 330 -35.93 -27.61 5.23
C HIS B 330 -37.25 -28.14 5.78
N PRO B 331 -38.33 -27.37 5.63
CA PRO B 331 -39.64 -27.78 6.14
C PRO B 331 -40.14 -29.17 5.71
N GLU B 332 -39.69 -29.63 4.55
CA GLU B 332 -40.10 -30.94 4.03
C GLU B 332 -38.99 -31.99 4.10
N HIS B 333 -37.79 -31.57 4.51
CA HIS B 333 -36.66 -32.49 4.57
C HIS B 333 -35.78 -32.22 5.78
N SER B 334 -35.98 -33.01 6.83
CA SER B 334 -35.20 -32.84 8.05
C SER B 334 -33.72 -33.11 7.85
N ASN B 335 -33.37 -33.70 6.71
CA ASN B 335 -31.97 -34.00 6.42
C ASN B 335 -31.31 -32.92 5.55
N VAL B 336 -31.98 -31.77 5.43
CA VAL B 336 -31.46 -30.64 4.67
C VAL B 336 -31.47 -29.40 5.55
N VAL B 337 -30.31 -28.74 5.66
CA VAL B 337 -30.18 -27.54 6.49
C VAL B 337 -29.93 -26.32 5.62
N ILE B 338 -30.65 -25.23 5.87
CA ILE B 338 -30.53 -24.01 5.09
C ILE B 338 -29.94 -22.82 5.85
N ALA B 339 -28.97 -22.17 5.24
CA ALA B 339 -28.32 -20.99 5.82
C ALA B 339 -28.39 -19.93 4.73
N ALA B 340 -29.28 -18.95 4.88
CA ALA B 340 -29.44 -17.94 3.84
C ALA B 340 -29.89 -16.57 4.33
N GLY B 341 -29.90 -15.62 3.41
CA GLY B 341 -30.34 -14.26 3.68
C GLY B 341 -29.69 -13.53 4.85
N PHE B 342 -28.37 -13.54 4.92
CA PHE B 342 -27.68 -12.89 6.02
C PHE B 342 -27.74 -11.37 5.96
N SER B 343 -28.51 -10.87 5.00
CA SER B 343 -28.77 -9.45 4.82
C SER B 343 -27.67 -8.45 5.12
N GLY B 344 -26.44 -8.75 4.73
CA GLY B 344 -25.35 -7.83 4.95
C GLY B 344 -24.72 -7.74 6.34
N HIS B 345 -25.14 -8.55 7.30
CA HIS B 345 -24.54 -8.47 8.64
C HIS B 345 -24.28 -9.83 9.30
N GLY B 346 -23.98 -10.83 8.48
CA GLY B 346 -23.76 -12.15 9.03
C GLY B 346 -22.36 -12.68 9.24
N PHE B 347 -21.32 -12.07 8.67
CA PHE B 347 -20.00 -12.66 8.86
C PHE B 347 -19.53 -12.84 10.29
N LYS B 348 -19.76 -11.83 11.12
CA LYS B 348 -19.35 -11.88 12.51
C LYS B 348 -19.89 -13.13 13.20
N PHE B 349 -21.06 -13.59 12.74
CA PHE B 349 -21.71 -14.76 13.31
C PHE B 349 -21.32 -16.06 12.64
N SER B 350 -20.57 -15.98 11.53
CA SER B 350 -20.23 -17.19 10.79
C SER B 350 -19.63 -18.33 11.61
N SER B 351 -18.80 -18.02 12.61
CA SER B 351 -18.22 -19.08 13.43
C SER B 351 -19.33 -19.76 14.23
N GLY B 352 -20.23 -18.95 14.80
CA GLY B 352 -21.33 -19.50 15.57
C GLY B 352 -22.29 -20.29 14.70
N VAL B 353 -22.56 -19.75 13.51
CA VAL B 353 -23.47 -20.41 12.58
C VAL B 353 -22.90 -21.75 12.13
N GLY B 354 -21.58 -21.83 11.98
CA GLY B 354 -20.95 -23.07 11.59
C GLY B 354 -21.26 -24.15 12.61
N GLU B 355 -21.26 -23.75 13.88
CA GLU B 355 -21.56 -24.67 14.96
C GLU B 355 -23.04 -25.06 14.92
N VAL B 356 -23.91 -24.08 14.69
CA VAL B 356 -25.35 -24.34 14.62
C VAL B 356 -25.69 -25.30 13.47
N LEU B 357 -25.11 -25.02 12.31
CA LEU B 357 -25.34 -25.86 11.13
C LEU B 357 -24.88 -27.29 11.36
N SER B 358 -23.73 -27.44 12.00
N SER B 358 -23.72 -27.45 12.00
CA SER B 358 -23.18 -28.76 12.28
CA SER B 358 -23.18 -28.78 12.28
C SER B 358 -24.13 -29.54 13.19
C SER B 358 -24.14 -29.54 13.18
N GLN B 359 -24.66 -28.85 14.20
CA GLN B 359 -25.58 -29.47 15.13
C GLN B 359 -26.92 -29.84 14.48
N LEU B 360 -27.45 -28.96 13.64
CA LEU B 360 -28.73 -29.23 12.97
C LEU B 360 -28.59 -30.43 12.03
N ALA B 361 -27.47 -30.49 11.33
CA ALA B 361 -27.23 -31.57 10.37
C ALA B 361 -27.06 -32.94 11.05
N LEU B 362 -26.35 -32.96 12.17
CA LEU B 362 -26.09 -34.20 12.89
C LEU B 362 -27.19 -34.64 13.84
N THR B 363 -27.97 -33.71 14.38
CA THR B 363 -29.00 -34.06 15.34
C THR B 363 -30.39 -33.48 15.06
N GLY B 364 -30.49 -32.62 14.07
CA GLY B 364 -31.78 -32.01 13.76
C GLY B 364 -32.13 -30.92 14.75
N LYS B 365 -31.21 -30.62 15.67
CA LYS B 365 -31.42 -29.59 16.67
C LYS B 365 -30.11 -28.85 16.97
N THR B 366 -30.21 -27.75 17.69
CA THR B 366 -29.06 -26.97 18.07
C THR B 366 -29.26 -26.43 19.48
N GLU B 367 -28.17 -26.33 20.24
CA GLU B 367 -28.28 -25.80 21.61
C GLU B 367 -28.59 -24.31 21.61
N HIS B 368 -28.27 -23.63 20.52
CA HIS B 368 -28.53 -22.19 20.42
C HIS B 368 -29.98 -21.90 20.09
N ASP B 369 -30.48 -20.77 20.55
CA ASP B 369 -31.84 -20.38 20.25
C ASP B 369 -31.81 -19.66 18.91
N ILE B 370 -32.43 -20.27 17.90
CA ILE B 370 -32.46 -19.71 16.55
C ILE B 370 -33.89 -19.50 16.05
N SER B 371 -34.81 -19.31 16.99
CA SER B 371 -36.22 -19.11 16.65
C SER B 371 -36.48 -17.95 15.69
N ILE B 372 -35.75 -16.84 15.86
CA ILE B 372 -35.97 -15.68 14.99
C ILE B 372 -35.44 -15.89 13.58
N PHE B 373 -34.81 -17.03 13.32
CA PHE B 373 -34.29 -17.31 11.99
C PHE B 373 -35.08 -18.41 11.29
N SER B 374 -36.24 -18.74 11.86
CA SER B 374 -37.12 -19.77 11.31
C SER B 374 -37.41 -19.58 9.82
N ILE B 375 -37.33 -20.67 9.07
CA ILE B 375 -37.57 -20.60 7.64
C ILE B 375 -39.07 -20.55 7.35
N ASN B 376 -39.88 -20.81 8.37
CA ASN B 376 -41.33 -20.79 8.22
C ASN B 376 -41.99 -19.54 8.81
N ARG B 377 -41.20 -18.57 9.24
CA ARG B 377 -41.79 -17.35 9.80
C ARG B 377 -42.46 -16.54 8.69
N PRO B 378 -43.68 -16.03 8.96
CA PRO B 378 -44.46 -15.23 8.01
C PRO B 378 -43.77 -13.98 7.48
N ALA B 379 -43.00 -13.31 8.34
CA ALA B 379 -42.31 -12.08 7.96
C ALA B 379 -41.45 -12.26 6.71
N LEU B 380 -41.13 -13.51 6.40
CA LEU B 380 -40.32 -13.83 5.23
C LEU B 380 -41.12 -13.80 3.93
N LYS B 381 -42.38 -14.16 4.02
N LYS B 381 -42.39 -14.15 3.99
CA LYS B 381 -43.27 -14.23 2.85
CA LYS B 381 -43.24 -14.19 2.81
C LYS B 381 -42.83 -15.37 1.94
C LYS B 381 -42.81 -15.37 1.93
N GLU B 382 -42.35 -16.44 2.57
CA GLU B 382 -41.88 -17.61 1.84
C GLU B 382 -43.00 -18.51 1.35
N SER B 383 -42.63 -19.59 0.66
CA SER B 383 -43.59 -20.54 0.11
C SER B 383 -42.86 -21.66 -0.63
N LEU B 384 -43.60 -22.37 -1.48
CA LEU B 384 -43.06 -23.46 -2.28
C LEU B 384 -43.54 -23.31 -3.72
N GLN B 385 -43.20 -24.29 -4.57
CA GLN B 385 -43.62 -24.26 -5.97
C GLN B 385 -44.97 -24.97 -6.16
CL CL C . 17.79 12.52 -11.66
PA FAD D . 23.16 7.85 -14.15
O1A FAD D . 24.03 7.97 -13.02
O2A FAD D . 23.09 8.84 -15.26
O5B FAD D . 23.23 6.42 -14.73
C5B FAD D . 22.50 5.95 -15.90
C4B FAD D . 23.48 5.18 -16.68
O4B FAD D . 22.86 4.34 -17.64
C3B FAD D . 24.54 6.02 -17.39
O3B FAD D . 25.86 5.66 -16.98
C2B FAD D . 24.39 5.72 -18.85
O2B FAD D . 25.59 5.68 -19.63
C1B FAD D . 23.51 4.43 -18.87
N9A FAD D . 22.78 4.19 -20.08
C8A FAD D . 21.92 5.05 -20.67
N7A FAD D . 21.35 4.57 -21.73
C5A FAD D . 21.87 3.32 -21.87
C6A FAD D . 21.68 2.26 -22.81
N6A FAD D . 20.84 2.37 -23.86
N1A FAD D . 22.37 1.08 -22.66
C2A FAD D . 23.22 0.96 -21.60
N3A FAD D . 23.46 1.93 -20.65
C4A FAD D . 22.74 3.08 -20.85
N1 FAD D . 21.19 14.12 -6.04
C2 FAD D . 21.40 14.14 -4.70
O2 FAD D . 20.95 13.29 -3.96
N3 FAD D . 22.18 15.21 -4.24
C4 FAD D . 22.77 16.25 -5.05
O4 FAD D . 23.43 17.14 -4.51
C4X FAD D . 22.50 16.16 -6.44
N5 FAD D . 23.05 17.17 -7.22
C5X FAD D . 22.82 17.04 -8.58
C6 FAD D . 23.39 18.06 -9.45
C7 FAD D . 23.21 17.99 -10.83
C7M FAD D . 23.82 19.05 -11.70
C8 FAD D . 22.44 16.87 -11.38
C8M FAD D . 22.23 16.65 -12.80
C9 FAD D . 21.87 15.91 -10.56
C9A FAD D . 22.04 15.98 -9.16
N10 FAD D . 21.47 14.99 -8.26
C10 FAD D . 21.71 15.08 -6.86
C1' FAD D . 20.59 13.84 -8.78
C2' FAD D . 21.41 12.53 -8.89
O2' FAD D . 22.75 12.85 -9.43
C3' FAD D . 20.63 11.68 -9.93
O3' FAD D . 19.35 11.41 -9.43
C4' FAD D . 21.47 10.23 -10.13
O4' FAD D . 22.75 10.37 -10.57
C5' FAD D . 20.52 9.38 -10.88
O5' FAD D . 21.22 8.09 -11.07
P FAD D . 20.96 7.08 -12.28
O1P FAD D . 19.55 7.12 -12.61
O2P FAD D . 21.76 5.93 -12.03
O3P FAD D . 21.57 7.94 -13.60
O7 PYC E . 20.37 17.36 -2.36
O8 PYC E . 19.12 16.12 -3.66
C1 PYC E . 19.84 17.11 -3.47
C2 PYC E . 20.09 17.94 -4.59
C3 PYC E . 20.82 19.10 -4.78
C4 PYC E . 20.71 19.44 -6.10
C5 PYC E . 19.88 18.51 -6.73
N6 PYC E . 19.53 17.63 -5.79
CL CL F . -25.16 -10.99 3.14
PA FAD G . -20.47 -16.44 0.87
O1A FAD G . -19.44 -16.17 1.84
O2A FAD G . -20.66 -15.64 -0.37
O5B FAD G . -20.53 -17.94 0.54
C5B FAD G . -21.44 -18.56 -0.42
C4B FAD G . -20.62 -19.50 -1.18
O4B FAD G . -21.41 -20.45 -1.89
C3B FAD G . -19.64 -18.85 -2.17
O3B FAD G . -18.29 -19.18 -1.89
C2B FAD G . -20.01 -19.39 -3.52
O2B FAD G . -18.94 -19.64 -4.43
C1B FAD G . -20.95 -20.60 -3.20
N9A FAD G . -21.85 -20.98 -4.24
C8A FAD G . -22.76 -20.16 -4.85
N7A FAD G . -23.49 -20.76 -5.74
C5A FAD G . -23.05 -22.06 -5.71
C6A FAD G . -23.41 -23.24 -6.43
N6A FAD G . -24.39 -23.23 -7.36
N1A FAD G . -22.76 -24.42 -6.17
C2A FAD G . -21.78 -24.41 -5.23
N3A FAD G . -21.36 -23.33 -4.50
C4A FAD G . -22.05 -22.19 -4.80
N1 FAD G . -20.99 -8.83 8.01
C2 FAD G . -20.58 -8.60 9.29
O2 FAD G . -20.96 -9.28 10.23
N3 FAD G . -19.70 -7.51 9.46
C4 FAD G . -19.21 -6.66 8.41
O4 FAD G . -18.43 -5.74 8.70
C4X FAD G . -19.67 -6.96 7.12
N5 FAD G . -19.19 -6.14 6.10
C5X FAD G . -19.62 -6.46 4.82
C6 FAD G . -19.14 -5.63 3.73
C7 FAD G . -19.51 -5.91 2.41
C7M FAD G . -18.99 -5.04 1.30
C8 FAD G . -20.39 -7.06 2.17
C8M FAD G . -20.80 -7.50 0.85
C9 FAD G . -20.87 -7.83 3.19
C9A FAD G . -20.50 -7.56 4.55
N10 FAD G . -20.98 -8.35 5.66
C10 FAD G . -20.55 -8.06 6.99
C1' FAD G . -21.97 -9.51 5.48
C2' FAD G . -21.23 -10.88 5.47
O2' FAD G . -19.97 -10.73 4.70
C3' FAD G . -22.20 -11.84 4.69
O3' FAD G . -23.40 -11.95 5.41
C4' FAD G . -21.46 -13.34 4.63
O4' FAD G . -20.27 -13.37 3.98
C5' FAD G . -22.55 -14.25 4.18
O5' FAD G . -21.92 -15.59 4.11
P FAD G . -22.39 -16.76 3.13
O1P FAD G . -23.84 -16.69 3.01
O2P FAD G . -21.61 -17.92 3.45
O3P FAD G . -21.96 -16.16 1.61
O7 PYC H . -21.22 -4.56 11.14
O8 PYC H . -22.56 -6.09 10.34
C1 PYC H . -21.84 -5.10 10.19
C2 PYC H . -21.71 -4.58 8.88
C3 PYC H . -21.03 -3.53 8.33
C4 PYC H . -21.30 -3.53 6.98
C5 PYC H . -22.17 -4.58 6.71
N6 PYC H . -22.40 -5.19 7.87
#